data_6U8F
# 
_entry.id   6U8F 
# 
_audit_conform.dict_name       mmcif_pdbx.dic 
_audit_conform.dict_version    5.380 
_audit_conform.dict_location   http://mmcif.pdb.org/dictionaries/ascii/mmcif_pdbx.dic 
# 
loop_
_database_2.database_id 
_database_2.database_code 
_database_2.pdbx_database_accession 
_database_2.pdbx_DOI 
PDB   6U8F         pdb_00006u8f 10.2210/pdb6u8f/pdb 
WWPDB D_1000244177 ?            ?                   
# 
_pdbx_database_status.status_code                     REL 
_pdbx_database_status.status_code_sf                  REL 
_pdbx_database_status.status_code_mr                  ? 
_pdbx_database_status.entry_id                        6U8F 
_pdbx_database_status.recvd_initial_deposition_date   2019-09-04 
_pdbx_database_status.SG_entry                        N 
_pdbx_database_status.deposit_site                    RCSB 
_pdbx_database_status.process_site                    RCSB 
_pdbx_database_status.status_code_cs                  ? 
_pdbx_database_status.methods_development_category    ? 
_pdbx_database_status.pdb_format_compatible           Y 
_pdbx_database_status.status_code_nmr_data            ? 
# 
loop_
_audit_author.name 
_audit_author.pdbx_ordinal 
_audit_author.identifier_ORCID 
'Szostak, J.W.' 1 ? 
'Zhang, W.'     2 ? 
# 
_citation.abstract                  ? 
_citation.abstract_id_CAS           ? 
_citation.book_id_ISBN              ? 
_citation.book_publisher            ? 
_citation.book_publisher_city       ? 
_citation.book_title                ? 
_citation.coordinate_linkage        ? 
_citation.country                   UK 
_citation.database_id_Medline       ? 
_citation.details                   ? 
_citation.id                        primary 
_citation.journal_abbrev            'Nucleic Acids Res.' 
_citation.journal_id_ASTM           NARHAD 
_citation.journal_id_CSD            0389 
_citation.journal_id_ISSN           1362-4962 
_citation.journal_full              ? 
_citation.journal_issue             ? 
_citation.journal_volume            49 
_citation.language                  ? 
_citation.page_first                646 
_citation.page_last                 656 
_citation.title                     
'Structural interpretation of the effects of threo-nucleotides on nonenzymatic template-directed polymerization.' 
_citation.year                      2021 
_citation.database_id_CSD           ? 
_citation.pdbx_database_id_DOI      10.1093/nar/gkaa1215 
_citation.pdbx_database_id_PubMed   33347562 
_citation.unpublished_flag          ? 
# 
loop_
_citation_author.citation_id 
_citation_author.name 
_citation_author.ordinal 
_citation_author.identifier_ORCID 
primary 'Zhang, W.'      1 ? 
primary 'Kim, S.C.'      2 ? 
primary 'Tam, C.P.'      3 ? 
primary 'Lelyveld, V.S.' 4 ? 
primary 'Bala, S.'       5 ? 
primary 'Chaput, J.C.'   6 ? 
primary 'Szostak, J.W.'  7 ? 
# 
_cell.angle_alpha                  90.00 
_cell.angle_alpha_esd              ? 
_cell.angle_beta                   90.00 
_cell.angle_beta_esd               ? 
_cell.angle_gamma                  120.00 
_cell.angle_gamma_esd              ? 
_cell.entry_id                     6U8F 
_cell.details                      ? 
_cell.formula_units_Z              ? 
_cell.length_a                     69.631 
_cell.length_a_esd                 ? 
_cell.length_b                     69.631 
_cell.length_b_esd                 ? 
_cell.length_c                     70.514 
_cell.length_c_esd                 ? 
_cell.volume                       ? 
_cell.volume_esd                   ? 
_cell.Z_PDB                        9 
_cell.reciprocal_angle_alpha       ? 
_cell.reciprocal_angle_beta        ? 
_cell.reciprocal_angle_gamma       ? 
_cell.reciprocal_angle_alpha_esd   ? 
_cell.reciprocal_angle_beta_esd    ? 
_cell.reciprocal_angle_gamma_esd   ? 
_cell.reciprocal_length_a          ? 
_cell.reciprocal_length_b          ? 
_cell.reciprocal_length_c          ? 
_cell.reciprocal_length_a_esd      ? 
_cell.reciprocal_length_b_esd      ? 
_cell.reciprocal_length_c_esd      ? 
_cell.pdbx_unique_axis             ? 
# 
_symmetry.entry_id                         6U8F 
_symmetry.cell_setting                     ? 
_symmetry.Int_Tables_number                146 
_symmetry.space_group_name_Hall            ? 
_symmetry.space_group_name_H-M             'H 3' 
_symmetry.pdbx_full_space_group_name_H-M   ? 
# 
loop_
_entity.id 
_entity.type 
_entity.src_method 
_entity.pdbx_description 
_entity.formula_weight 
_entity.pdbx_number_of_molecules 
_entity.pdbx_ec 
_entity.pdbx_mutation 
_entity.pdbx_fragment 
_entity.details 
1 polymer     syn 
;RNA (5'-R(*CP*UP*GP*CP*UP*GP*GP*CP*UP*AP*AP*GP*GP*CP*AP*UP*GP*AP*AP*AP*GP*U)-3')
;
7098.275 1 ? ? ? ? 
2 polymer     syn 
;RNA (5'-R(P*CP*UP*AP*UP*GP*CP*CP*UP*GP*CP*UP*G)-3')
;
3765.256 1 ? ? ? ? 
3 non-polymer syn 
'2-azanyl-9-[(2~{R},3~{R},4~{S})-3-oxidanyl-4-[oxidanyl-bis(oxidanylidene)-$l^{6}-phosphanyl]oxy-oxolan-2-yl]-1~{H}-purin-6-one' 
332.187  1 ? ? ? ? 
# 
loop_
_entity_poly.entity_id 
_entity_poly.type 
_entity_poly.nstd_linkage 
_entity_poly.nstd_monomer 
_entity_poly.pdbx_seq_one_letter_code 
_entity_poly.pdbx_seq_one_letter_code_can 
_entity_poly.pdbx_strand_id 
_entity_poly.pdbx_target_identifier 
1 polyribonucleotide no no CUGCUGGCUAAGGCAUGAAAGU CUGCUGGCUAAGGCAUGAAAGU A ? 
2 polyribonucleotide no no CUAUGCCUGCUG           CUAUGCCUGCUG           B ? 
# 
loop_
_entity_poly_seq.entity_id 
_entity_poly_seq.num 
_entity_poly_seq.mon_id 
_entity_poly_seq.hetero 
1 1  C n 
1 2  U n 
1 3  G n 
1 4  C n 
1 5  U n 
1 6  G n 
1 7  G n 
1 8  C n 
1 9  U n 
1 10 A n 
1 11 A n 
1 12 G n 
1 13 G n 
1 14 C n 
1 15 A n 
1 16 U n 
1 17 G n 
1 18 A n 
1 19 A n 
1 20 A n 
1 21 G n 
1 22 U n 
2 1  C n 
2 2  U n 
2 3  A n 
2 4  U n 
2 5  G n 
2 6  C n 
2 7  C n 
2 8  U n 
2 9  G n 
2 10 C n 
2 11 U n 
2 12 G n 
# 
loop_
_pdbx_entity_src_syn.entity_id 
_pdbx_entity_src_syn.pdbx_src_id 
_pdbx_entity_src_syn.pdbx_alt_source_flag 
_pdbx_entity_src_syn.pdbx_beg_seq_num 
_pdbx_entity_src_syn.pdbx_end_seq_num 
_pdbx_entity_src_syn.organism_scientific 
_pdbx_entity_src_syn.organism_common_name 
_pdbx_entity_src_syn.ncbi_taxonomy_id 
_pdbx_entity_src_syn.details 
1 1 sample 1 22 'synthetic construct' ? 32630 ? 
2 1 sample 1 12 'synthetic construct' ? 32630 ? 
# 
loop_
_struct_ref.id 
_struct_ref.db_name 
_struct_ref.db_code 
_struct_ref.pdbx_db_accession 
_struct_ref.pdbx_db_isoform 
_struct_ref.entity_id 
_struct_ref.pdbx_seq_one_letter_code 
_struct_ref.pdbx_align_begin 
1 PDB 6U8F 6U8F ? 1 ? 1 
2 PDB 6U8F 6U8F ? 2 ? 1 
# 
loop_
_struct_ref_seq.align_id 
_struct_ref_seq.ref_id 
_struct_ref_seq.pdbx_PDB_id_code 
_struct_ref_seq.pdbx_strand_id 
_struct_ref_seq.seq_align_beg 
_struct_ref_seq.pdbx_seq_align_beg_ins_code 
_struct_ref_seq.seq_align_end 
_struct_ref_seq.pdbx_seq_align_end_ins_code 
_struct_ref_seq.pdbx_db_accession 
_struct_ref_seq.db_align_beg 
_struct_ref_seq.pdbx_db_align_beg_ins_code 
_struct_ref_seq.db_align_end 
_struct_ref_seq.pdbx_db_align_end_ins_code 
_struct_ref_seq.pdbx_auth_seq_align_beg 
_struct_ref_seq.pdbx_auth_seq_align_end 
1 1 6U8F A 1 ? 22 ? 6U8F 1 ? 22 ? 1 22 
2 2 6U8F B 1 ? 12 ? 6U8F 1 ? 12 ? 1 12 
# 
loop_
_chem_comp.id 
_chem_comp.type 
_chem_comp.mon_nstd_flag 
_chem_comp.name 
_chem_comp.pdbx_synonyms 
_chem_comp.formula 
_chem_comp.formula_weight 
A  'RNA linking' y "ADENOSINE-5'-MONOPHOSPHATE" ? 'C10 H14 N5 O7 P' 347.221 
C  'RNA linking' y "CYTIDINE-5'-MONOPHOSPHATE" ? 'C9 H14 N3 O8 P'  323.197 
G  'RNA linking' y "GUANOSINE-5'-MONOPHOSPHATE" ? 'C10 H14 N5 O8 P' 363.221 
TG 'RNA linking' n 
'2-azanyl-9-[(2~{R},3~{R},4~{S})-3-oxidanyl-4-[oxidanyl-bis(oxidanylidene)-$l^{6}-phosphanyl]oxy-oxolan-2-yl]-1~{H}-purin-6-one' ? 
'C9 H11 N5 O7 P'  332.187 
U  'RNA linking' y "URIDINE-5'-MONOPHOSPHATE" ? 'C9 H13 N2 O9 P'  324.181 
# 
_exptl.absorpt_coefficient_mu     ? 
_exptl.absorpt_correction_T_max   ? 
_exptl.absorpt_correction_T_min   ? 
_exptl.absorpt_correction_type    ? 
_exptl.absorpt_process_details    ? 
_exptl.entry_id                   6U8F 
_exptl.crystals_number            1 
_exptl.details                    ? 
_exptl.method                     'X-RAY DIFFRACTION' 
_exptl.method_details             ? 
# 
_exptl_crystal.colour                      ? 
_exptl_crystal.density_diffrn              ? 
_exptl_crystal.density_Matthews            3.03 
_exptl_crystal.density_method              ? 
_exptl_crystal.density_percent_sol         59.38 
_exptl_crystal.description                 ? 
_exptl_crystal.F_000                       ? 
_exptl_crystal.id                          1 
_exptl_crystal.preparation                 ? 
_exptl_crystal.size_max                    ? 
_exptl_crystal.size_mid                    ? 
_exptl_crystal.size_min                    ? 
_exptl_crystal.size_rad                    ? 
_exptl_crystal.colour_lustre               ? 
_exptl_crystal.colour_modifier             ? 
_exptl_crystal.colour_primary              ? 
_exptl_crystal.density_meas                ? 
_exptl_crystal.density_meas_esd            ? 
_exptl_crystal.density_meas_gt             ? 
_exptl_crystal.density_meas_lt             ? 
_exptl_crystal.density_meas_temp           ? 
_exptl_crystal.density_meas_temp_esd       ? 
_exptl_crystal.density_meas_temp_gt        ? 
_exptl_crystal.density_meas_temp_lt        ? 
_exptl_crystal.pdbx_crystal_image_url      ? 
_exptl_crystal.pdbx_crystal_image_format   ? 
_exptl_crystal.pdbx_mosaicity              ? 
_exptl_crystal.pdbx_mosaicity_esd          ? 
# 
_exptl_crystal_grow.apparatus       ? 
_exptl_crystal_grow.atmosphere      ? 
_exptl_crystal_grow.crystal_id      1 
_exptl_crystal_grow.details         ? 
_exptl_crystal_grow.method          'VAPOR DIFFUSION, SITTING DROP' 
_exptl_crystal_grow.method_ref      ? 
_exptl_crystal_grow.pH              7.5 
_exptl_crystal_grow.pressure        ? 
_exptl_crystal_grow.pressure_esd    ? 
_exptl_crystal_grow.seeding         ? 
_exptl_crystal_grow.seeding_ref     ? 
_exptl_crystal_grow.temp            291 
_exptl_crystal_grow.temp_details    ? 
_exptl_crystal_grow.temp_esd        ? 
_exptl_crystal_grow.time            ? 
_exptl_crystal_grow.pdbx_details    '1 M Lithium sulfate, 50 mM tri-Sodium citrate, 3 % w/v 2-Propanol, 50 mM HEPES; pH 7.5' 
_exptl_crystal_grow.pdbx_pH_range   ? 
# 
_diffrn.ambient_environment              ? 
_diffrn.ambient_temp                     99 
_diffrn.ambient_temp_details             ? 
_diffrn.ambient_temp_esd                 ? 
_diffrn.crystal_id                       1 
_diffrn.crystal_support                  ? 
_diffrn.crystal_treatment                ? 
_diffrn.details                          ? 
_diffrn.id                               1 
_diffrn.ambient_pressure                 ? 
_diffrn.ambient_pressure_esd             ? 
_diffrn.ambient_pressure_gt              ? 
_diffrn.ambient_pressure_lt              ? 
_diffrn.ambient_temp_gt                  ? 
_diffrn.ambient_temp_lt                  ? 
_diffrn.pdbx_serial_crystal_experiment   N 
# 
_diffrn_detector.details                      ? 
_diffrn_detector.detector                     CCD 
_diffrn_detector.diffrn_id                    1 
_diffrn_detector.type                         'MAR CCD 130 mm' 
_diffrn_detector.area_resol_mean              ? 
_diffrn_detector.dtime                        ? 
_diffrn_detector.pdbx_frames_total            ? 
_diffrn_detector.pdbx_collection_time_total   ? 
_diffrn_detector.pdbx_collection_date         2017-06-09 
_diffrn_detector.pdbx_frequency               ? 
# 
_diffrn_radiation.collimation                      ? 
_diffrn_radiation.diffrn_id                        1 
_diffrn_radiation.filter_edge                      ? 
_diffrn_radiation.inhomogeneity                    ? 
_diffrn_radiation.monochromator                    ? 
_diffrn_radiation.polarisn_norm                    ? 
_diffrn_radiation.polarisn_ratio                   ? 
_diffrn_radiation.probe                            ? 
_diffrn_radiation.type                             ? 
_diffrn_radiation.xray_symbol                      ? 
_diffrn_radiation.wavelength_id                    1 
_diffrn_radiation.pdbx_monochromatic_or_laue_m_l   M 
_diffrn_radiation.pdbx_wavelength_list             ? 
_diffrn_radiation.pdbx_wavelength                  ? 
_diffrn_radiation.pdbx_diffrn_protocol             'SINGLE WAVELENGTH' 
_diffrn_radiation.pdbx_analyzer                    ? 
_diffrn_radiation.pdbx_scattering_type             x-ray 
# 
_diffrn_radiation_wavelength.id           1 
_diffrn_radiation_wavelength.wavelength   1 
_diffrn_radiation_wavelength.wt           1.0 
# 
_diffrn_source.current                     ? 
_diffrn_source.details                     ? 
_diffrn_source.diffrn_id                   1 
_diffrn_source.power                       ? 
_diffrn_source.size                        ? 
_diffrn_source.source                      SYNCHROTRON 
_diffrn_source.target                      ? 
_diffrn_source.type                        'ALS BEAMLINE 8.2.2' 
_diffrn_source.voltage                     ? 
_diffrn_source.take-off_angle              ? 
_diffrn_source.pdbx_wavelength_list        1 
_diffrn_source.pdbx_wavelength             ? 
_diffrn_source.pdbx_synchrotron_beamline   8.2.2 
_diffrn_source.pdbx_synchrotron_site       ALS 
# 
_reflns.B_iso_Wilson_estimate            ? 
_reflns.entry_id                         6U8F 
_reflns.data_reduction_details           ? 
_reflns.data_reduction_method            ? 
_reflns.d_resolution_high                2.8 
_reflns.d_resolution_low                 50 
_reflns.details                          ? 
_reflns.limit_h_max                      ? 
_reflns.limit_h_min                      ? 
_reflns.limit_k_max                      ? 
_reflns.limit_k_min                      ? 
_reflns.limit_l_max                      ? 
_reflns.limit_l_min                      ? 
_reflns.number_all                       ? 
_reflns.number_obs                       3110 
_reflns.observed_criterion               ? 
_reflns.observed_criterion_F_max         ? 
_reflns.observed_criterion_F_min         ? 
_reflns.observed_criterion_I_max         ? 
_reflns.observed_criterion_I_min         ? 
_reflns.observed_criterion_sigma_F       ? 
_reflns.observed_criterion_sigma_I       ? 
_reflns.percent_possible_obs             99.5 
_reflns.R_free_details                   ? 
_reflns.Rmerge_F_all                     ? 
_reflns.Rmerge_F_obs                     ? 
_reflns.Friedel_coverage                 ? 
_reflns.number_gt                        ? 
_reflns.threshold_expression             ? 
_reflns.pdbx_redundancy                  5.4 
_reflns.pdbx_Rmerge_I_obs                0.1 
_reflns.pdbx_Rmerge_I_all                ? 
_reflns.pdbx_Rsym_value                  ? 
_reflns.pdbx_netI_over_av_sigmaI         ? 
_reflns.pdbx_netI_over_sigmaI            15.7 
_reflns.pdbx_res_netI_over_av_sigmaI_2   ? 
_reflns.pdbx_res_netI_over_sigmaI_2      ? 
_reflns.pdbx_chi_squared                 1.095 
_reflns.pdbx_scaling_rejects             ? 
_reflns.pdbx_d_res_high_opt              ? 
_reflns.pdbx_d_res_low_opt               ? 
_reflns.pdbx_d_res_opt_method            ? 
_reflns.phase_calculation_details        ? 
_reflns.pdbx_Rrim_I_all                  0.111 
_reflns.pdbx_Rpim_I_all                  0.047 
_reflns.pdbx_d_opt                       ? 
_reflns.pdbx_number_measured_all         ? 
_reflns.pdbx_diffrn_id                   1 
_reflns.pdbx_ordinal                     1 
_reflns.pdbx_CC_half                     0.988 
_reflns.pdbx_R_split                     ? 
# 
_reflns_shell.d_res_high                  2.80 
_reflns_shell.d_res_low                   2.90 
_reflns_shell.meanI_over_sigI_all         ? 
_reflns_shell.meanI_over_sigI_obs         1.42 
_reflns_shell.number_measured_all         ? 
_reflns_shell.number_measured_obs         ? 
_reflns_shell.number_possible             ? 
_reflns_shell.number_unique_all           ? 
_reflns_shell.number_unique_obs           315 
_reflns_shell.percent_possible_all        96 
_reflns_shell.percent_possible_obs        ? 
_reflns_shell.Rmerge_F_all                ? 
_reflns_shell.Rmerge_F_obs                ? 
_reflns_shell.Rmerge_I_all                ? 
_reflns_shell.Rmerge_I_obs                0.567 
_reflns_shell.meanI_over_sigI_gt          ? 
_reflns_shell.meanI_over_uI_all           ? 
_reflns_shell.meanI_over_uI_gt            ? 
_reflns_shell.number_measured_gt          ? 
_reflns_shell.number_unique_gt            ? 
_reflns_shell.percent_possible_gt         ? 
_reflns_shell.Rmerge_F_gt                 ? 
_reflns_shell.Rmerge_I_gt                 ? 
_reflns_shell.pdbx_redundancy             4.1 
_reflns_shell.pdbx_Rsym_value             ? 
_reflns_shell.pdbx_chi_squared            0.714 
_reflns_shell.pdbx_netI_over_sigmaI_all   ? 
_reflns_shell.pdbx_netI_over_sigmaI_obs   ? 
_reflns_shell.pdbx_Rrim_I_all             0.647 
_reflns_shell.pdbx_Rpim_I_all             0.304 
_reflns_shell.pdbx_rejects                ? 
_reflns_shell.pdbx_ordinal                1 
_reflns_shell.pdbx_diffrn_id              1 
_reflns_shell.pdbx_CC_half                0.970 
_reflns_shell.pdbx_R_split                ? 
# 
_refine.aniso_B[1][1]                            -0.21 
_refine.aniso_B[1][2]                            -0.10 
_refine.aniso_B[1][3]                            0.00 
_refine.aniso_B[2][2]                            -0.21 
_refine.aniso_B[2][3]                            0.00 
_refine.aniso_B[3][3]                            0.68 
_refine.B_iso_max                                ? 
_refine.B_iso_mean                               81.07 
_refine.B_iso_min                                ? 
_refine.correlation_coeff_Fo_to_Fc               ? 
_refine.correlation_coeff_Fo_to_Fc_free          ? 
_refine.details                                  ? 
_refine.diff_density_max                         ? 
_refine.diff_density_max_esd                     ? 
_refine.diff_density_min                         ? 
_refine.diff_density_min_esd                     ? 
_refine.diff_density_rms                         ? 
_refine.diff_density_rms_esd                     ? 
_refine.entry_id                                 6U8F 
_refine.pdbx_refine_id                           'X-RAY DIFFRACTION' 
_refine.ls_abs_structure_details                 ? 
_refine.ls_abs_structure_Flack                   ? 
_refine.ls_abs_structure_Flack_esd               ? 
_refine.ls_abs_structure_Rogers                  ? 
_refine.ls_abs_structure_Rogers_esd              ? 
_refine.ls_d_res_high                            2.81 
_refine.ls_d_res_low                             45.83 
_refine.ls_extinction_coef                       ? 
_refine.ls_extinction_coef_esd                   ? 
_refine.ls_extinction_expression                 ? 
_refine.ls_extinction_method                     ? 
_refine.ls_goodness_of_fit_all                   ? 
_refine.ls_goodness_of_fit_all_esd               ? 
_refine.ls_goodness_of_fit_obs                   ? 
_refine.ls_goodness_of_fit_obs_esd               ? 
_refine.ls_hydrogen_treatment                    ? 
_refine.ls_matrix_type                           ? 
_refine.ls_number_constraints                    ? 
_refine.ls_number_parameters                     ? 
_refine.ls_number_reflns_all                     ? 
_refine.ls_number_reflns_obs                     2966 
_refine.ls_number_reflns_R_free                  138 
_refine.ls_number_reflns_R_work                  ? 
_refine.ls_number_restraints                     ? 
_refine.ls_percent_reflns_obs                    99.23 
_refine.ls_percent_reflns_R_free                 4.4 
_refine.ls_R_factor_all                          ? 
_refine.ls_R_factor_obs                          0.176 
_refine.ls_R_factor_R_free                       0.209 
_refine.ls_R_factor_R_free_error                 ? 
_refine.ls_R_factor_R_free_error_details         ? 
_refine.ls_R_factor_R_work                       0.175 
_refine.ls_R_Fsqd_factor_obs                     ? 
_refine.ls_R_I_factor_obs                        ? 
_refine.ls_redundancy_reflns_all                 ? 
_refine.ls_redundancy_reflns_obs                 ? 
_refine.ls_restrained_S_all                      ? 
_refine.ls_restrained_S_obs                      ? 
_refine.ls_shift_over_esd_max                    ? 
_refine.ls_shift_over_esd_mean                   ? 
_refine.ls_structure_factor_coef                 ? 
_refine.ls_weighting_details                     ? 
_refine.ls_weighting_scheme                      ? 
_refine.ls_wR_factor_all                         ? 
_refine.ls_wR_factor_obs                         ? 
_refine.ls_wR_factor_R_free                      ? 
_refine.ls_wR_factor_R_work                      ? 
_refine.occupancy_max                            ? 
_refine.occupancy_min                            ? 
_refine.solvent_model_details                    ? 
_refine.solvent_model_param_bsol                 ? 
_refine.solvent_model_param_ksol                 ? 
_refine.ls_R_factor_gt                           ? 
_refine.ls_goodness_of_fit_gt                    ? 
_refine.ls_goodness_of_fit_ref                   ? 
_refine.ls_shift_over_su_max                     ? 
_refine.ls_shift_over_su_max_lt                  ? 
_refine.ls_shift_over_su_mean                    ? 
_refine.ls_shift_over_su_mean_lt                 ? 
_refine.pdbx_ls_sigma_I                          ? 
_refine.pdbx_ls_sigma_F                          ? 
_refine.pdbx_ls_sigma_Fsqd                       ? 
_refine.pdbx_data_cutoff_high_absF               ? 
_refine.pdbx_data_cutoff_high_rms_absF           ? 
_refine.pdbx_data_cutoff_low_absF                ? 
_refine.pdbx_isotropic_thermal_model             ? 
_refine.pdbx_ls_cross_valid_method               THROUGHOUT 
_refine.pdbx_method_to_determine_struct          'MOLECULAR REPLACEMENT' 
_refine.pdbx_starting_model                      5VCI 
_refine.pdbx_stereochemistry_target_values       ? 
_refine.pdbx_R_Free_selection_details            random 
_refine.pdbx_stereochem_target_val_spec_case     ? 
_refine.pdbx_overall_ESU_R                       ? 
_refine.pdbx_overall_ESU_R_Free                  ? 
_refine.pdbx_solvent_vdw_probe_radii             ? 
_refine.pdbx_solvent_ion_probe_radii             ? 
_refine.pdbx_solvent_shrinkage_radii             ? 
_refine.pdbx_real_space_R                        ? 
_refine.pdbx_density_correlation                 ? 
_refine.pdbx_pd_number_of_powder_patterns        ? 
_refine.pdbx_pd_number_of_points                 ? 
_refine.pdbx_pd_meas_number_of_points            ? 
_refine.pdbx_pd_proc_ls_prof_R_factor            ? 
_refine.pdbx_pd_proc_ls_prof_wR_factor           ? 
_refine.pdbx_pd_Marquardt_correlation_coeff      ? 
_refine.pdbx_pd_Fsqrd_R_factor                   ? 
_refine.pdbx_pd_ls_matrix_band_width             ? 
_refine.pdbx_overall_phase_error                 ? 
_refine.pdbx_overall_SU_R_free_Cruickshank_DPI   ? 
_refine.pdbx_overall_SU_R_free_Blow_DPI          ? 
_refine.pdbx_overall_SU_R_Blow_DPI               ? 
_refine.pdbx_TLS_residual_ADP_flag               ? 
_refine.pdbx_diffrn_id                           1 
_refine.overall_SU_B                             ? 
_refine.overall_SU_ML                            ? 
_refine.overall_SU_R_Cruickshank_DPI             ? 
_refine.overall_SU_R_free                        ? 
_refine.overall_FOM_free_R_set                   ? 
_refine.overall_FOM_work_R_set                   ? 
_refine.pdbx_average_fsc_overall                 ? 
_refine.pdbx_average_fsc_work                    ? 
_refine.pdbx_average_fsc_free                    ? 
# 
_refine_hist.pdbx_refine_id                   'X-RAY DIFFRACTION' 
_refine_hist.cycle_id                         LAST 
_refine_hist.pdbx_number_atoms_protein        0 
_refine_hist.pdbx_number_atoms_nucleic_acid   722 
_refine_hist.pdbx_number_atoms_ligand         22 
_refine_hist.number_atoms_solvent             0 
_refine_hist.number_atoms_total               744 
_refine_hist.d_res_high                       2.81 
_refine_hist.d_res_low                        45.83 
# 
_refine_ls_shell.pdbx_refine_id                   'X-RAY DIFFRACTION' 
_refine_ls_shell.d_res_high                       2.81 
_refine_ls_shell.d_res_low                        2.88 
_refine_ls_shell.number_reflns_all                ? 
_refine_ls_shell.number_reflns_obs                ? 
_refine_ls_shell.number_reflns_R_free             23 
_refine_ls_shell.number_reflns_R_work             200 
_refine_ls_shell.percent_reflns_obs               92.92 
_refine_ls_shell.percent_reflns_R_free            ? 
_refine_ls_shell.R_factor_all                     ? 
_refine_ls_shell.R_factor_obs                     ? 
_refine_ls_shell.R_factor_R_free                  0.411 
_refine_ls_shell.R_factor_R_free_error            ? 
_refine_ls_shell.R_factor_R_work                  0.448 
_refine_ls_shell.redundancy_reflns_all            ? 
_refine_ls_shell.redundancy_reflns_obs            ? 
_refine_ls_shell.wR_factor_all                    ? 
_refine_ls_shell.wR_factor_obs                    ? 
_refine_ls_shell.wR_factor_R_free                 ? 
_refine_ls_shell.wR_factor_R_work                 ? 
_refine_ls_shell.pdbx_total_number_of_bins_used   ? 
_refine_ls_shell.pdbx_phase_error                 ? 
_refine_ls_shell.pdbx_fsc_work                    ? 
_refine_ls_shell.pdbx_fsc_free                    ? 
# 
_struct.entry_id                     6U8F 
_struct.title                        'RNA hairpin, bound with TNA monomer' 
_struct.pdbx_model_details           ? 
_struct.pdbx_formula_weight          ? 
_struct.pdbx_formula_weight_method   ? 
_struct.pdbx_model_type_details      ? 
_struct.pdbx_CASP_flag               N 
# 
_struct_keywords.entry_id        6U8F 
_struct_keywords.text            RNA 
_struct_keywords.pdbx_keywords   RNA 
# 
loop_
_struct_asym.id 
_struct_asym.pdbx_blank_PDB_chainid_flag 
_struct_asym.pdbx_modified 
_struct_asym.entity_id 
_struct_asym.details 
A N N 1 ? 
B N N 2 ? 
C N N 3 ? 
# 
loop_
_struct_conn.id 
_struct_conn.conn_type_id 
_struct_conn.pdbx_leaving_atom_flag 
_struct_conn.pdbx_PDB_id 
_struct_conn.ptnr1_label_asym_id 
_struct_conn.ptnr1_label_comp_id 
_struct_conn.ptnr1_label_seq_id 
_struct_conn.ptnr1_label_atom_id 
_struct_conn.pdbx_ptnr1_label_alt_id 
_struct_conn.pdbx_ptnr1_PDB_ins_code 
_struct_conn.pdbx_ptnr1_standard_comp_id 
_struct_conn.ptnr1_symmetry 
_struct_conn.ptnr2_label_asym_id 
_struct_conn.ptnr2_label_comp_id 
_struct_conn.ptnr2_label_seq_id 
_struct_conn.ptnr2_label_atom_id 
_struct_conn.pdbx_ptnr2_label_alt_id 
_struct_conn.pdbx_ptnr2_PDB_ins_code 
_struct_conn.ptnr1_auth_asym_id 
_struct_conn.ptnr1_auth_comp_id 
_struct_conn.ptnr1_auth_seq_id 
_struct_conn.ptnr2_auth_asym_id 
_struct_conn.ptnr2_auth_comp_id 
_struct_conn.ptnr2_auth_seq_id 
_struct_conn.ptnr2_symmetry 
_struct_conn.pdbx_ptnr3_label_atom_id 
_struct_conn.pdbx_ptnr3_label_seq_id 
_struct_conn.pdbx_ptnr3_label_comp_id 
_struct_conn.pdbx_ptnr3_label_asym_id 
_struct_conn.pdbx_ptnr3_label_alt_id 
_struct_conn.pdbx_ptnr3_PDB_ins_code 
_struct_conn.details 
_struct_conn.pdbx_dist_value 
_struct_conn.pdbx_value_order 
_struct_conn.pdbx_role 
hydrog1  hydrog ? ? A C 1  N3 ? ? ? 1_555 B G 12 N1 ? ? A C 1  B G 12 1_555 ? ? ? ? ? ? WATSON-CRICK         ? ? ? 
hydrog2  hydrog ? ? A C 1  N4 ? ? ? 1_555 B G 12 O6 ? ? A C 1  B G 12 1_555 ? ? ? ? ? ? WATSON-CRICK         ? ? ? 
hydrog3  hydrog ? ? A C 1  O2 ? ? ? 1_555 B G 12 N2 ? ? A C 1  B G 12 1_555 ? ? ? ? ? ? WATSON-CRICK         ? ? ? 
hydrog4  hydrog ? ? A U 2  N3 ? ? ? 1_555 B U 11 O2 ? ? A U 2  B U 11 1_555 ? ? ? ? ? ? TYPE_16_PAIR         ? ? ? 
hydrog5  hydrog ? ? A U 2  O4 ? ? ? 1_555 B U 11 N3 ? ? A U 2  B U 11 1_555 ? ? ? ? ? ? TYPE_16_PAIR         ? ? ? 
hydrog6  hydrog ? ? A G 3  N1 ? ? ? 1_555 B C 10 N3 ? ? A G 3  B C 10 1_555 ? ? ? ? ? ? WATSON-CRICK         ? ? ? 
hydrog7  hydrog ? ? A G 3  N2 ? ? ? 1_555 B C 10 O2 ? ? A G 3  B C 10 1_555 ? ? ? ? ? ? WATSON-CRICK         ? ? ? 
hydrog8  hydrog ? ? A G 3  O6 ? ? ? 1_555 B C 10 N4 ? ? A G 3  B C 10 1_555 ? ? ? ? ? ? WATSON-CRICK         ? ? ? 
hydrog9  hydrog ? ? A C 4  N3 ? ? ? 1_555 B G 9  N1 ? ? A C 4  B G 9  1_555 ? ? ? ? ? ? WATSON-CRICK         ? ? ? 
hydrog10 hydrog ? ? A C 4  N4 ? ? ? 1_555 B G 9  O6 ? ? A C 4  B G 9  1_555 ? ? ? ? ? ? WATSON-CRICK         ? ? ? 
hydrog11 hydrog ? ? A C 4  O2 ? ? ? 1_555 B G 9  N2 ? ? A C 4  B G 9  1_555 ? ? ? ? ? ? WATSON-CRICK         ? ? ? 
hydrog12 hydrog ? ? A U 5  O4 ? ? ? 1_555 B U 8  N3 ? ? A U 5  B U 8  1_555 ? ? ? ? ? ? 'U-U MISPAIR'        ? ? ? 
hydrog13 hydrog ? ? A G 6  N1 ? ? ? 1_555 B C 7  N3 ? ? A G 6  B C 7  1_555 ? ? ? ? ? ? WATSON-CRICK         ? ? ? 
hydrog14 hydrog ? ? A G 6  N2 ? ? ? 1_555 B C 7  O2 ? ? A G 6  B C 7  1_555 ? ? ? ? ? ? WATSON-CRICK         ? ? ? 
hydrog15 hydrog ? ? A G 6  O6 ? ? ? 1_555 B C 7  N4 ? ? A G 6  B C 7  1_555 ? ? ? ? ? ? WATSON-CRICK         ? ? ? 
hydrog16 hydrog ? ? A G 7  N1 ? ? ? 1_555 B C 6  N3 ? ? A G 7  B C 6  1_555 ? ? ? ? ? ? WATSON-CRICK         ? ? ? 
hydrog17 hydrog ? ? A G 7  N2 ? ? ? 1_555 B C 6  O2 ? ? A G 7  B C 6  1_555 ? ? ? ? ? ? WATSON-CRICK         ? ? ? 
hydrog18 hydrog ? ? A G 7  O6 ? ? ? 1_555 B C 6  N4 ? ? A G 7  B C 6  1_555 ? ? ? ? ? ? WATSON-CRICK         ? ? ? 
hydrog19 hydrog ? ? A C 8  N3 ? ? ? 1_555 B G 5  N1 ? ? A C 8  B G 5  1_555 ? ? ? ? ? ? WATSON-CRICK         ? ? ? 
hydrog20 hydrog ? ? A C 8  N4 ? ? ? 1_555 B G 5  O6 ? ? A C 8  B G 5  1_555 ? ? ? ? ? ? WATSON-CRICK         ? ? ? 
hydrog21 hydrog ? ? A C 8  O2 ? ? ? 1_555 B G 5  N2 ? ? A C 8  B G 5  1_555 ? ? ? ? ? ? WATSON-CRICK         ? ? ? 
hydrog22 hydrog ? ? A U 9  N3 ? ? ? 1_555 B A 3  N7 ? ? A U 9  B A 3  1_555 ? ? ? ? ? ? 'REVERSED HOOGSTEEN' ? ? ? 
hydrog23 hydrog ? ? A U 9  O2 ? ? ? 1_555 B A 3  N6 ? ? A U 9  B A 3  1_555 ? ? ? ? ? ? 'REVERSED HOOGSTEEN' ? ? ? 
hydrog24 hydrog ? ? A A 11 N1 ? ? ? 1_555 B U 4  N3 ? ? A A 11 B U 4  1_555 ? ? ? ? ? ? WATSON-CRICK         ? ? ? 
hydrog25 hydrog ? ? A A 11 N6 ? ? ? 1_555 B U 4  O4 ? ? A A 11 B U 4  1_555 ? ? ? ? ? ? WATSON-CRICK         ? ? ? 
hydrog26 hydrog ? ? A G 12 N1 ? ? ? 1_555 B U 2  O2 ? ? A G 12 B U 2  1_555 ? ? ? ? ? ? TYPE_28_PAIR         ? ? ? 
hydrog27 hydrog ? ? A G 12 O6 ? ? ? 1_555 B U 2  N3 ? ? A G 12 B U 2  1_555 ? ? ? ? ? ? TYPE_28_PAIR         ? ? ? 
hydrog28 hydrog ? ? A G 12 N2 ? ? ? 1_555 B U 4  O4 ? ? A G 12 B U 4  1_555 ? ? ? ? ? ? 'G-U MISPAIR'        ? ? ? 
hydrog29 hydrog ? ? A G 13 N1 ? ? ? 1_555 B C 1  N3 ? ? A G 13 B C 1  1_555 ? ? ? ? ? ? WATSON-CRICK         ? ? ? 
hydrog30 hydrog ? ? A G 13 N2 ? ? ? 1_555 B C 1  O2 ? ? A G 13 B C 1  1_555 ? ? ? ? ? ? WATSON-CRICK         ? ? ? 
hydrog31 hydrog ? ? A G 13 O6 ? ? ? 1_555 B C 1  N4 ? ? A G 13 B C 1  1_555 ? ? ? ? ? ? WATSON-CRICK         ? ? ? 
hydrog32 hydrog ? ? A A 15 N1 ? ? ? 1_555 A U 22 N3 ? ? A A 15 A U 22 1_555 ? ? ? ? ? ? WATSON-CRICK         ? ? ? 
hydrog33 hydrog ? ? A A 15 N6 ? ? ? 1_555 A U 22 O4 ? ? A A 15 A U 22 1_555 ? ? ? ? ? ? WATSON-CRICK         ? ? ? 
hydrog34 hydrog ? ? A U 16 N3 ? ? ? 1_555 A G 21 O6 ? ? A U 16 A G 21 1_555 ? ? ? ? ? ? TYPE_28_PAIR         ? ? ? 
hydrog35 hydrog ? ? A U 16 O2 ? ? ? 1_555 A G 21 N1 ? ? A U 16 A G 21 1_555 ? ? ? ? ? ? TYPE_28_PAIR         ? ? ? 
hydrog36 hydrog ? ? A G 17 N2 ? ? ? 1_555 A A 20 N7 ? ? A G 17 A A 20 1_555 ? ? ? ? ? ? 'G-A MISPAIR'        ? ? ? 
# 
_struct_conn_type.id          hydrog 
_struct_conn_type.criteria    ? 
_struct_conn_type.reference   ? 
# 
_struct_site.id                   AC1 
_struct_site.pdbx_evidence_code   Software 
_struct_site.pdbx_auth_asym_id    A 
_struct_site.pdbx_auth_comp_id    TG 
_struct_site.pdbx_auth_seq_id     101 
_struct_site.pdbx_auth_ins_code   ? 
_struct_site.pdbx_num_residues    4 
_struct_site.details              'binding site for residue TG A 101' 
# 
loop_
_struct_site_gen.id 
_struct_site_gen.site_id 
_struct_site_gen.pdbx_num_res 
_struct_site_gen.label_comp_id 
_struct_site_gen.label_asym_id 
_struct_site_gen.label_seq_id 
_struct_site_gen.pdbx_auth_ins_code 
_struct_site_gen.auth_comp_id 
_struct_site_gen.auth_asym_id 
_struct_site_gen.auth_seq_id 
_struct_site_gen.label_atom_id 
_struct_site_gen.label_alt_id 
_struct_site_gen.symmetry 
_struct_site_gen.details 
1 AC1 4 C A 14 ? C A 14 . ? 1_555 ? 
2 AC1 4 A A 15 ? A A 15 . ? 1_555 ? 
3 AC1 4 U A 22 ? U A 22 . ? 1_555 ? 
4 AC1 4 C B 1  ? C B 1  . ? 1_555 ? 
# 
_atom_sites.entry_id                    6U8F 
_atom_sites.Cartn_transf_matrix[1][1]   ? 
_atom_sites.Cartn_transf_matrix[1][2]   ? 
_atom_sites.Cartn_transf_matrix[1][3]   ? 
_atom_sites.Cartn_transf_matrix[2][1]   ? 
_atom_sites.Cartn_transf_matrix[2][2]   ? 
_atom_sites.Cartn_transf_matrix[2][3]   ? 
_atom_sites.Cartn_transf_matrix[3][1]   ? 
_atom_sites.Cartn_transf_matrix[3][2]   ? 
_atom_sites.Cartn_transf_matrix[3][3]   ? 
_atom_sites.Cartn_transf_vector[1]      ? 
_atom_sites.Cartn_transf_vector[2]      ? 
_atom_sites.Cartn_transf_vector[3]      ? 
_atom_sites.fract_transf_matrix[1][1]   -0.01526271 
_atom_sites.fract_transf_matrix[1][2]   -0.00052897 
_atom_sites.fract_transf_matrix[1][3]   0.00646262 
_atom_sites.fract_transf_matrix[2][1]   -0.00672974 
_atom_sites.fract_transf_matrix[2][2]   -0.01456497 
_atom_sites.fract_transf_matrix[2][3]   0.00419143 
_atom_sites.fract_transf_matrix[3][1]   0.00547339 
_atom_sites.fract_transf_matrix[3][2]   0.00121965 
_atom_sites.fract_transf_matrix[3][3]   0.01302627 
_atom_sites.fract_transf_vector[1]      0.196970 
_atom_sites.fract_transf_vector[2]      0.435742 
_atom_sites.fract_transf_vector[3]      -0.013905 
_atom_sites.solution_primary            ? 
_atom_sites.solution_secondary          ? 
_atom_sites.solution_hydrogens          ? 
_atom_sites.special_details             ? 
# 
loop_
_atom_type.symbol 
C 
N 
O 
P 
# 
loop_
_atom_site.group_PDB 
_atom_site.id 
_atom_site.type_symbol 
_atom_site.label_atom_id 
_atom_site.label_alt_id 
_atom_site.label_comp_id 
_atom_site.label_asym_id 
_atom_site.label_entity_id 
_atom_site.label_seq_id 
_atom_site.pdbx_PDB_ins_code 
_atom_site.Cartn_x 
_atom_site.Cartn_y 
_atom_site.Cartn_z 
_atom_site.occupancy 
_atom_site.B_iso_or_equiv 
_atom_site.pdbx_formal_charge 
_atom_site.auth_seq_id 
_atom_site.auth_comp_id 
_atom_site.auth_asym_id 
_atom_site.auth_atom_id 
_atom_site.pdbx_PDB_model_num 
ATOM   1   O "O5'" . C  A 1 1  ? 17.197  5.966   8.488   1.00 81.96  ? 1   C  A "O5'" 1 
ATOM   2   C "C5'" . C  A 1 1  ? 17.795  5.600   7.226   1.00 82.79  ? 1   C  A "C5'" 1 
ATOM   3   C "C4'" . C  A 1 1  ? 19.143  4.960   7.437   1.00 78.12  ? 1   C  A "C4'" 1 
ATOM   4   O "O4'" . C  A 1 1  ? 19.618  5.254   8.767   1.00 76.99  ? 1   C  A "O4'" 1 
ATOM   5   C "C3'" . C  A 1 1  ? 19.125  3.453   7.357   1.00 85.96  ? 1   C  A "C3'" 1 
ATOM   6   O "O3'" . C  A 1 1  ? 19.258  3.130   5.987   1.00 94.55  ? 1   C  A "O3'" 1 
ATOM   7   C "C2'" . C  A 1 1  ? 20.291  3.033   8.246   1.00 84.18  ? 1   C  A "C2'" 1 
ATOM   8   O "O2'" . C  A 1 1  ? 21.586  2.905   7.699   1.00 97.53  ? 1   C  A "O2'" 1 
ATOM   9   C "C1'" . C  A 1 1  ? 20.285  4.131   9.304   1.00 78.18  ? 1   C  A "C1'" 1 
ATOM   10  N N1    . C  A 1 1  ? 19.605  3.716   10.536  1.00 83.32  ? 1   C  A N1    1 
ATOM   11  C C2    . C  A 1 1  ? 20.166  2.667   11.263  1.00 83.01  ? 1   C  A C2    1 
ATOM   12  O O2    . C  A 1 1  ? 21.200  2.134   10.839  1.00 82.02  ? 1   C  A O2    1 
ATOM   13  N N3    . C  A 1 1  ? 19.561  2.250   12.399  1.00 77.61  ? 1   C  A N3    1 
ATOM   14  C C4    . C  A 1 1  ? 18.455  2.861   12.826  1.00 77.04  ? 1   C  A C4    1 
ATOM   15  N N4    . C  A 1 1  ? 17.895  2.422   13.951  1.00 81.90  ? 1   C  A N4    1 
ATOM   16  C C5    . C  A 1 1  ? 17.862  3.936   12.106  1.00 76.15  ? 1   C  A C5    1 
ATOM   17  C C6    . C  A 1 1  ? 18.458  4.323   10.972  1.00 78.89  ? 1   C  A C6    1 
ATOM   18  P P     . U  A 1 2  ? 18.258  2.103   5.370   1.00 90.79  ? 2   U  A P     1 
ATOM   19  O OP1   . U  A 1 2  ? 18.522  2.043   3.892   1.00 73.68  ? 2   U  A OP1   1 
ATOM   20  O OP2   . U  A 1 2  ? 16.910  2.412   5.944   1.00 70.65  ? 2   U  A OP2   1 
ATOM   21  O "O5'" . U  A 1 2  ? 18.761  0.732   5.990   1.00 85.25  ? 2   U  A "O5'" 1 
ATOM   22  C "C5'" . U  A 1 2  ? 20.038  0.241   5.591   1.00 93.06  ? 2   U  A "C5'" 1 
ATOM   23  C "C4'" . U  A 1 2  ? 20.400  -0.934  6.448   1.00 100.26 ? 2   U  A "C4'" 1 
ATOM   24  O "O4'" . U  A 1 2  ? 20.452  -0.538  7.832   1.00 93.58  ? 2   U  A "O4'" 1 
ATOM   25  C "C3'" . U  A 1 2  ? 19.403  -2.072  6.493   1.00 99.30  ? 2   U  A "C3'" 1 
ATOM   26  O "O3'" . U  A 1 2  ? 19.504  -2.799  5.285   1.00 102.81 ? 2   U  A "O3'" 1 
ATOM   27  C "C2'" . U  A 1 2  ? 19.888  -2.832  7.715   1.00 96.06  ? 2   U  A "C2'" 1 
ATOM   28  O "O2'" . U  A 1 2  ? 21.079  -3.552  7.474   1.00 91.52  ? 2   U  A "O2'" 1 
ATOM   29  C "C1'" . U  A 1 2  ? 20.254  -1.680  8.643   1.00 86.66  ? 2   U  A "C1'" 1 
ATOM   30  N N1    . U  A 1 2  ? 19.261  -1.353  9.667   1.00 80.42  ? 2   U  A N1    1 
ATOM   31  C C2    . U  A 1 2  ? 19.128  -2.238  10.715  1.00 85.17  ? 2   U  A C2    1 
ATOM   32  O O2    . U  A 1 2  ? 19.738  -3.294  10.770  1.00 98.76  ? 2   U  A O2    1 
ATOM   33  N N3    . U  A 1 2  ? 18.245  -1.847  11.690  1.00 86.55  ? 2   U  A N3    1 
ATOM   34  C C4    . U  A 1 2  ? 17.514  -0.679  11.736  1.00 90.48  ? 2   U  A C4    1 
ATOM   35  O O4    . U  A 1 2  ? 16.759  -0.471  12.685  1.00 107.41 ? 2   U  A O4    1 
ATOM   36  C C5    . U  A 1 2  ? 17.717  0.193   10.623  1.00 82.42  ? 2   U  A C5    1 
ATOM   37  C C6    . U  A 1 2  ? 18.563  -0.165  9.650   1.00 81.36  ? 2   U  A C6    1 
ATOM   38  P P     . G  A 1 3  ? 18.187  -3.232  4.544   1.00 102.41 ? 3   G  A P     1 
ATOM   39  O OP1   . G  A 1 3  ? 18.552  -3.496  3.135   1.00 102.42 ? 3   G  A OP1   1 
ATOM   40  O OP2   . G  A 1 3  ? 17.120  -2.238  4.873   1.00 87.42  ? 3   G  A OP2   1 
ATOM   41  O "O5'" . G  A 1 3  ? 17.812  -4.604  5.265   1.00 99.56  ? 3   G  A "O5'" 1 
ATOM   42  C "C5'" . G  A 1 3  ? 18.788  -5.640  5.515   1.00 114.00 ? 3   G  A "C5'" 1 
ATOM   43  C "C4'" . G  A 1 3  ? 18.288  -6.583  6.588   1.00 113.79 ? 3   G  A "C4'" 1 
ATOM   44  O "O4'" . G  A 1 3  ? 18.500  -6.003  7.900   1.00 113.80 ? 3   G  A "O4'" 1 
ATOM   45  C "C3'" . G  A 1 3  ? 16.800  -6.875  6.540   1.00 121.63 ? 3   G  A "C3'" 1 
ATOM   46  O "O3'" . G  A 1 3  ? 16.565  -7.912  5.618   1.00 129.97 ? 3   G  A "O3'" 1 
ATOM   47  C "C2'" . G  A 1 3  ? 16.487  -7.244  7.980   1.00 119.73 ? 3   G  A "C2'" 1 
ATOM   48  O "O2'" . G  A 1 3  ? 16.762  -8.570  8.378   1.00 130.09 ? 3   G  A "O2'" 1 
ATOM   49  C "C1'" . G  A 1 3  ? 17.380  -6.262  8.725   1.00 112.67 ? 3   G  A "C1'" 1 
ATOM   50  N N9    . G  A 1 3  ? 16.706  -5.001  9.000   1.00 98.42  ? 3   G  A N9    1 
ATOM   51  C C8    . G  A 1 3  ? 16.588  -3.906  8.176   1.00 96.98  ? 3   G  A C8    1 
ATOM   52  N N7    . G  A 1 3  ? 15.921  -2.925  8.722   1.00 101.09 ? 3   G  A N7    1 
ATOM   53  C C5    . G  A 1 3  ? 15.581  -3.401  9.981   1.00 93.65  ? 3   G  A C5    1 
ATOM   54  C C6    . G  A 1 3  ? 14.854  -2.782  11.036  1.00 88.41  ? 3   G  A C6    1 
ATOM   55  O O6    . G  A 1 3  ? 14.349  -1.655  11.066  1.00 94.97  ? 3   G  A O6    1 
ATOM   56  N N1    . G  A 1 3  ? 14.745  -3.617  12.143  1.00 83.16  ? 3   G  A N1    1 
ATOM   57  C C2    . G  A 1 3  ? 15.234  -4.901  12.212  1.00 92.57  ? 3   G  A C2    1 
ATOM   58  N N2    . G  A 1 3  ? 14.993  -5.566  13.349  1.00 83.90  ? 3   G  A N2    1 
ATOM   59  N N3    . G  A 1 3  ? 15.920  -5.486  11.240  1.00 84.49  ? 3   G  A N3    1 
ATOM   60  C C4    . G  A 1 3  ? 16.055  -4.683  10.164  1.00 91.15  ? 3   G  A C4    1 
ATOM   61  P P     . C  A 1 4  ? 15.102  -8.141  5.073   1.00 129.09 ? 4   C  A P     1 
ATOM   62  O OP1   . C  A 1 4  ? 15.213  -8.920  3.805   1.00 128.18 ? 4   C  A OP1   1 
ATOM   63  O OP2   . C  A 1 4  ? 14.372  -6.836  5.092   1.00 90.43  ? 4   C  A OP2   1 
ATOM   64  O "O5'" . C  A 1 4  ? 14.457  -9.010  6.233   1.00 116.12 ? 4   C  A "O5'" 1 
ATOM   65  C "C5'" . C  A 1 4  ? 13.326  -8.489  6.910   1.00 112.20 ? 4   C  A "C5'" 1 
ATOM   66  C "C4'" . C  A 1 4  ? 13.089  -9.276  8.160   1.00 115.97 ? 4   C  A "C4'" 1 
ATOM   67  O "O4'" . C  A 1 4  ? 13.867  -8.739  9.261   1.00 109.81 ? 4   C  A "O4'" 1 
ATOM   68  C "C3'" . C  A 1 4  ? 11.650  -9.213  8.629   1.00 120.39 ? 4   C  A "C3'" 1 
ATOM   69  O "O3'" . C  A 1 4  ? 10.938  -10.215 7.950   1.00 126.05 ? 4   C  A "O3'" 1 
ATOM   70  C "C2'" . C  A 1 4  ? 11.800  -9.414  10.122  1.00 113.71 ? 4   C  A "C2'" 1 
ATOM   71  O "O2'" . C  A 1 4  ? 12.058  -10.748 10.493  1.00 113.54 ? 4   C  A "O2'" 1 
ATOM   72  C "C1'" . C  A 1 4  ? 13.012  -8.527  10.372  1.00 113.03 ? 4   C  A "C1'" 1 
ATOM   73  N N1    . C  A 1 4  ? 12.627  -7.110  10.403  1.00 102.02 ? 4   C  A N1    1 
ATOM   74  C C2    . C  A 1 4  ? 11.837  -6.655  11.464  1.00 111.56 ? 4   C  A C2    1 
ATOM   75  O O2    . C  A 1 4  ? 11.490  -7.458  12.342  1.00 134.69 ? 4   C  A O2    1 
ATOM   76  N N3    . C  A 1 4  ? 11.479  -5.352  11.509  1.00 100.43 ? 4   C  A N3    1 
ATOM   77  C C4    . C  A 1 4  ? 11.871  -4.522  10.541  1.00 93.84  ? 4   C  A C4    1 
ATOM   78  N N4    . C  A 1 4  ? 11.495  -3.249  10.622  1.00 93.09  ? 4   C  A N4    1 
ATOM   79  C C5    . C  A 1 4  ? 12.668  -4.961  9.447   1.00 92.91  ? 4   C  A C5    1 
ATOM   80  C C6    . C  A 1 4  ? 13.013  -6.251  9.413   1.00 90.73  ? 4   C  A C6    1 
ATOM   81  P P     . U  A 1 5  ? 9.382   -10.064 7.756   1.00 117.26 ? 5   U  A P     1 
ATOM   82  O OP1   . U  A 1 5  ? 8.916   -11.328 7.163   1.00 121.25 ? 5   U  A OP1   1 
ATOM   83  O OP2   . U  A 1 5  ? 9.111   -8.798  7.035   1.00 97.99  ? 5   U  A OP2   1 
ATOM   84  O "O5'" . U  A 1 5  ? 8.847   -9.892  9.247   1.00 101.18 ? 5   U  A "O5'" 1 
ATOM   85  C "C5'" . U  A 1 5  ? 7.459   -9.650  9.436   1.00 90.92  ? 5   U  A "C5'" 1 
ATOM   86  C "C4'" . U  A 1 5  ? 7.136   -9.544  10.897  1.00 102.33 ? 5   U  A "C4'" 1 
ATOM   87  O "O4'" . U  A 1 5  ? 8.134   -8.727  11.561  1.00 107.14 ? 5   U  A "O4'" 1 
ATOM   88  C "C3'" . U  A 1 5  ? 5.828   -8.822  11.179  1.00 107.86 ? 5   U  A "C3'" 1 
ATOM   89  O "O3'" . U  A 1 5  ? 4.691   -9.645  11.035  1.00 110.36 ? 5   U  A "O3'" 1 
ATOM   90  C "C2'" . U  A 1 5  ? 6.023   -8.347  12.604  1.00 109.86 ? 5   U  A "C2'" 1 
ATOM   91  O "O2'" . U  A 1 5  ? 5.730   -9.285  13.613  1.00 112.13 ? 5   U  A "O2'" 1 
ATOM   92  C "C1'" . U  A 1 5  ? 7.498   -7.940  12.567  1.00 120.08 ? 5   U  A "C1'" 1 
ATOM   93  N N1    . U  A 1 5  ? 7.617   -6.508  12.242  1.00 108.74 ? 5   U  A N1    1 
ATOM   94  C C2    . U  A 1 5  ? 7.222   -5.618  13.227  1.00 111.60 ? 5   U  A C2    1 
ATOM   95  O O2    . U  A 1 5  ? 6.839   -5.973  14.329  1.00 123.38 ? 5   U  A O2    1 
ATOM   96  N N3    . U  A 1 5  ? 7.305   -4.295  12.878  1.00 115.68 ? 5   U  A N3    1 
ATOM   97  C C4    . U  A 1 5  ? 7.726   -3.775  11.676  1.00 111.96 ? 5   U  A C4    1 
ATOM   98  O O4    . U  A 1 5  ? 7.738   -2.553  11.519  1.00 106.60 ? 5   U  A O4    1 
ATOM   99  C C5    . U  A 1 5  ? 8.098   -4.757  10.698  1.00 103.18 ? 5   U  A C5    1 
ATOM   100 C C6    . U  A 1 5  ? 8.020   -6.058  11.003  1.00 103.37 ? 5   U  A C6    1 
ATOM   101 P P     . G  A 1 6  ? 3.719   -9.456  9.772   1.00 115.70 ? 6   G  A P     1 
ATOM   102 O OP1   . G  A 1 6  ? 2.761   -10.579 9.777   1.00 131.42 ? 6   G  A OP1   1 
ATOM   103 O OP2   . G  A 1 6  ? 4.485   -9.150  8.541   1.00 92.30  ? 6   G  A OP2   1 
ATOM   104 O "O5'" . G  A 1 6  ? 2.841   -8.202  10.234  1.00 87.85  ? 6   G  A "O5'" 1 
ATOM   105 C "C5'" . G  A 1 6  ? 1.902   -8.410  11.303  1.00 85.47  ? 6   G  A "C5'" 1 
ATOM   106 C "C4'" . G  A 1 6  ? 1.838   -7.254  12.257  1.00 87.18  ? 6   G  A "C4'" 1 
ATOM   107 O "O4'" . G  A 1 6  ? 3.158   -6.734  12.537  1.00 96.58  ? 6   G  A "O4'" 1 
ATOM   108 C "C3'" . G  A 1 6  ? 1.104   -6.047  11.722  1.00 91.62  ? 6   G  A "C3'" 1 
ATOM   109 O "O3'" . G  A 1 6  ? -0.275  -6.273  11.570  1.00 95.70  ? 6   G  A "O3'" 1 
ATOM   110 C "C2'" . G  A 1 6  ? 1.589   -4.948  12.646  1.00 96.39  ? 6   G  A "C2'" 1 
ATOM   111 O "O2'" . G  A 1 6  ? 0.920   -4.746  13.881  1.00 85.78  ? 6   G  A "O2'" 1 
ATOM   112 C "C1'" . G  A 1 6  ? 3.072   -5.316  12.716  1.00 99.95  ? 6   G  A "C1'" 1 
ATOM   113 N N9    . G  A 1 6  ? 3.838   -4.659  11.657  1.00 103.27 ? 6   G  A N9    1 
ATOM   114 C C8    . G  A 1 6  ? 4.578   -5.245  10.654  1.00 103.55 ? 6   G  A C8    1 
ATOM   115 N N7    . G  A 1 6  ? 5.144   -4.377  9.859   1.00 89.82  ? 6   G  A N7    1 
ATOM   116 C C5    . G  A 1 6  ? 4.755   -3.144  10.367  1.00 98.13  ? 6   G  A C5    1 
ATOM   117 C C6    . G  A 1 6  ? 5.083   -1.827  9.942   1.00 96.09  ? 6   G  A C6    1 
ATOM   118 O O6    . G  A 1 6  ? 5.783   -1.476  8.986   1.00 82.96  ? 6   G  A O6    1 
ATOM   119 N N1    . G  A 1 6  ? 4.479   -0.865  10.747  1.00 96.27  ? 6   G  A N1    1 
ATOM   120 C C2    . G  A 1 6  ? 3.668   -1.132  11.824  1.00 95.49  ? 6   G  A C2    1 
ATOM   121 N N2    . G  A 1 6  ? 3.182   -0.068  12.478  1.00 94.30  ? 6   G  A N2    1 
ATOM   122 N N3    . G  A 1 6  ? 3.366   -2.353  12.237  1.00 87.91  ? 6   G  A N3    1 
ATOM   123 C C4    . G  A 1 6  ? 3.944   -3.302  11.472  1.00 94.30  ? 6   G  A C4    1 
ATOM   124 P P     . G  A 1 7  ? -0.870  -6.265  10.100  1.00 106.90 ? 7   G  A P     1 
ATOM   125 O OP1   . G  A 1 7  ? -2.057  -7.134  10.087  1.00 112.59 ? 7   G  A OP1   1 
ATOM   126 O OP2   . G  A 1 7  ? 0.234   -6.615  9.163   1.00 108.20 ? 7   G  A OP2   1 
ATOM   127 O "O5'" . G  A 1 7  ? -1.358  -4.751  9.985   1.00 87.14  ? 7   G  A "O5'" 1 
ATOM   128 C "C5'" . G  A 1 7  ? -2.130  -4.187  11.060  1.00 80.23  ? 7   G  A "C5'" 1 
ATOM   129 C "C4'" . G  A 1 7  ? -1.777  -2.741  11.278  1.00 81.13  ? 7   G  A "C4'" 1 
ATOM   130 O "O4'" . G  A 1 7  ? -0.349  -2.601  11.484  1.00 92.97  ? 7   G  A "O4'" 1 
ATOM   131 C "C3'" . G  A 1 7  ? -2.036  -1.809  10.115  1.00 83.69  ? 7   G  A "C3'" 1 
ATOM   132 O "O3'" . G  A 1 7  ? -3.371  -1.382  9.972   1.00 85.42  ? 7   G  A "O3'" 1 
ATOM   133 C "C2'" . G  A 1 7  ? -1.156  -0.628  10.473  1.00 84.35  ? 7   G  A "C2'" 1 
ATOM   134 O "O2'" . G  A 1 7  ? -1.652  0.193   11.500  1.00 77.94  ? 7   G  A "O2'" 1 
ATOM   135 C "C1'" . G  A 1 7  ? 0.090   -1.357  10.943  1.00 85.14  ? 7   G  A "C1'" 1 
ATOM   136 N N9    . G  A 1 7  ? 0.997   -1.621  9.836   1.00 82.25  ? 7   G  A N9    1 
ATOM   137 C C8    . G  A 1 7  ? 1.375   -2.840  9.320   1.00 82.78  ? 7   G  A C8    1 
ATOM   138 N N7    . G  A 1 7  ? 2.203   -2.738  8.317   1.00 81.06  ? 7   G  A N7    1 
ATOM   139 C C5    . G  A 1 7  ? 2.370   -1.369  8.152   1.00 87.98  ? 7   G  A C5    1 
ATOM   140 C C6    . G  A 1 7  ? 3.170   -0.644  7.227   1.00 87.75  ? 7   G  A C6    1 
ATOM   141 O O6    . G  A 1 7  ? 3.920   -1.087  6.350   1.00 83.00  ? 7   G  A O6    1 
ATOM   142 N N1    . G  A 1 7  ? 3.053   0.732   7.414   1.00 75.54  ? 7   G  A N1    1 
ATOM   143 C C2    . G  A 1 7  ? 2.273   1.332   8.372   1.00 81.49  ? 7   G  A C2    1 
ATOM   144 N N2    . G  A 1 7  ? 2.293   2.669   8.393   1.00 85.09  ? 7   G  A N2    1 
ATOM   145 N N3    . G  A 1 7  ? 1.524   0.668   9.242   1.00 74.79  ? 7   G  A N3    1 
ATOM   146 C C4    . G  A 1 7  ? 1.626   -0.668  9.078   1.00 78.95  ? 7   G  A C4    1 
ATOM   147 P P     . C  A 1 8  ? -3.937  -1.167  8.512   1.00 97.49  ? 8   C  A P     1 
ATOM   148 O OP1   . C  A 1 8  ? -5.416  -1.157  8.602   1.00 87.22  ? 8   C  A OP1   1 
ATOM   149 O OP2   . C  A 1 8  ? -3.239  -2.142  7.618   1.00 73.66  ? 8   C  A OP2   1 
ATOM   150 O "O5'" . C  A 1 8  ? -3.571  0.353   8.208   1.00 80.37  ? 8   C  A "O5'" 1 
ATOM   151 C "C5'" . C  A 1 8  ? -4.046  1.383   9.084   1.00 76.06  ? 8   C  A "C5'" 1 
ATOM   152 C "C4'" . C  A 1 8  ? -3.562  2.731   8.627   1.00 74.32  ? 8   C  A "C4'" 1 
ATOM   153 O "O4'" . C  A 1 8  ? -2.114  2.780   8.700   1.00 82.33  ? 8   C  A "O4'" 1 
ATOM   154 C "C3'" . C  A 1 8  ? -3.835  3.079   7.186   1.00 77.30  ? 8   C  A "C3'" 1 
ATOM   155 O "O3'" . C  A 1 8  ? -5.130  3.561   6.955   1.00 85.02  ? 8   C  A "O3'" 1 
ATOM   156 C "C2'" . C  A 1 8  ? -2.816  4.180   6.947   1.00 83.70  ? 8   C  A "C2'" 1 
ATOM   157 O "O2'" . C  A 1 8  ? -3.198  5.463   7.426   1.00 73.83  ? 8   C  A "O2'" 1 
ATOM   158 C "C1'" . C  A 1 8  ? -1.596  3.576   7.636   1.00 74.52  ? 8   C  A "C1'" 1 
ATOM   159 N N1    . C  A 1 8  ? -0.785  2.713   6.742   1.00 71.90  ? 8   C  A N1    1 
ATOM   160 C C2    . C  A 1 8  ? -0.008  3.315   5.747   1.00 68.29  ? 8   C  A C2    1 
ATOM   161 O O2    . C  A 1 8  ? -0.013  4.548   5.646   1.00 73.32  ? 8   C  A O2    1 
ATOM   162 N N3    . C  A 1 8  ? 0.726   2.536   4.919   1.00 67.82  ? 8   C  A N3    1 
ATOM   163 C C4    . C  A 1 8  ? 0.713   1.208   5.066   1.00 65.69  ? 8   C  A C4    1 
ATOM   164 N N4    . C  A 1 8  ? 1.455   0.479   4.236   1.00 67.72  ? 8   C  A N4    1 
ATOM   165 C C5    . C  A 1 8  ? -0.062  0.568   6.076   1.00 66.00  ? 8   C  A C5    1 
ATOM   166 C C6    . C  A 1 8  ? -0.790  1.351   6.883   1.00 75.58  ? 8   C  A C6    1 
ATOM   167 P P     . U  A 1 9  ? -5.769  3.313   5.541   1.00 102.13 ? 9   U  A P     1 
ATOM   168 O OP1   . U  A 1 9  ? -7.142  3.909   5.542   1.00 100.27 ? 9   U  A OP1   1 
ATOM   169 O OP2   . U  A 1 9  ? -5.507  1.889   5.167   1.00 73.41  ? 9   U  A OP2   1 
ATOM   170 O "O5'" . U  A 1 9  ? -4.941  4.275   4.596   1.00 83.14  ? 9   U  A "O5'" 1 
ATOM   171 C "C5'" . U  A 1 9  ? -5.199  5.673   4.620   1.00 84.96  ? 9   U  A "C5'" 1 
ATOM   172 C "C4'" . U  A 1 9  ? -4.206  6.358   3.722   1.00 86.91  ? 9   U  A "C4'" 1 
ATOM   173 O "O4'" . U  A 1 9  ? -2.872  5.849   3.997   1.00 84.22  ? 9   U  A "O4'" 1 
ATOM   174 C "C3'" . U  A 1 9  ? -4.359  6.094   2.237   1.00 86.64  ? 9   U  A "C3'" 1 
ATOM   175 O "O3'" . U  A 1 9  ? -5.365  6.876   1.623   1.00 96.76  ? 9   U  A "O3'" 1 
ATOM   176 C "C2'" . U  A 1 9  ? -2.983  6.497   1.738   1.00 77.02  ? 9   U  A "C2'" 1 
ATOM   177 O "O2'" . U  A 1 9  ? -2.765  7.911   1.731   1.00 60.61  ? 9   U  A "O2'" 1 
ATOM   178 C "C1'" . U  A 1 9  ? -2.120  5.815   2.788   1.00 71.80  ? 9   U  A "C1'" 1 
ATOM   179 N N1    . U  A 1 9  ? -1.698  4.431   2.499   1.00 62.05  ? 9   U  A N1    1 
ATOM   180 C C2    . U  A 1 9  ? -0.606  4.269   1.655   1.00 70.74  ? 9   U  A C2    1 
ATOM   181 O O2    . U  A 1 9  ? -0.064  5.200   1.085   1.00 80.69  ? 9   U  A O2    1 
ATOM   182 N N3    . U  A 1 9  ? -0.195  2.972   1.481   1.00 66.86  ? 9   U  A N3    1 
ATOM   183 C C4    . U  A 1 9  ? -0.747  1.840   2.033   1.00 71.46  ? 9   U  A C4    1 
ATOM   184 O O4    . U  A 1 9  ? -0.268  0.732   1.755   1.00 62.44  ? 9   U  A O4    1 
ATOM   185 C C5    . U  A 1 9  ? -1.847  2.089   2.924   1.00 71.33  ? 9   U  A C5    1 
ATOM   186 C C6    . U  A 1 9  ? -2.260  3.347   3.137   1.00 61.90  ? 9   U  A C6    1 
ATOM   187 P P     . A  A 1 10 ? -6.175  6.296   0.377   1.00 97.95  ? 10  A  A P     1 
ATOM   188 O OP1   . A  A 1 10 ? -6.975  7.439   -0.157  1.00 77.15  ? 10  A  A OP1   1 
ATOM   189 O OP2   . A  A 1 10 ? -6.730  4.938   0.735   1.00 77.45  ? 10  A  A OP2   1 
ATOM   190 O "O5'" . A  A 1 10 ? -5.090  5.942   -0.731  1.00 92.97  ? 10  A  A "O5'" 1 
ATOM   191 C "C5'" . A  A 1 10 ? -4.864  6.854   -1.819  1.00 93.08  ? 10  A  A "C5'" 1 
ATOM   192 C "C4'" . A  A 1 10 ? -3.982  6.213   -2.850  1.00 87.09  ? 10  A  A "C4'" 1 
ATOM   193 O "O4'" . A  A 1 10 ? -3.132  5.231   -2.212  1.00 82.13  ? 10  A  A "O4'" 1 
ATOM   194 C "C3'" . A  A 1 10 ? -4.711  5.486   -3.987  1.00 78.91  ? 10  A  A "C3'" 1 
ATOM   195 O "O3'" . A  A 1 10 ? -4.338  6.043   -5.236  1.00 82.95  ? 10  A  A "O3'" 1 
ATOM   196 C "C2'" . A  A 1 10 ? -4.223  4.041   -3.887  1.00 80.63  ? 10  A  A "C2'" 1 
ATOM   197 O "O2'" . A  A 1 10 ? -4.104  3.446   -5.171  1.00 86.55  ? 10  A  A "O2'" 1 
ATOM   198 C "C1'" . A  A 1 10 ? -2.902  4.195   -3.123  1.00 84.40  ? 10  A  A "C1'" 1 
ATOM   199 N N9    . A  A 1 10 ? -2.535  2.998   -2.378  1.00 75.72  ? 10  A  A N9    1 
ATOM   200 C C8    . A  A 1 10 ? -3.113  2.524   -1.229  1.00 85.23  ? 10  A  A C8    1 
ATOM   201 N N7    . A  A 1 10 ? -2.613  1.382   -0.820  1.00 81.65  ? 10  A  A N7    1 
ATOM   202 C C5    . A  A 1 10 ? -1.659  1.074   -1.775  1.00 66.73  ? 10  A  A C5    1 
ATOM   203 C C6    . A  A 1 10 ? -0.793  -0.018  -1.922  1.00 76.03  ? 10  A  A C6    1 
ATOM   204 N N6    . A  A 1 10 ? -0.729  -1.031  -1.060  1.00 87.97  ? 10  A  A N6    1 
ATOM   205 N N1    . A  A 1 10 ? 0.045   -0.017  -2.980  1.00 98.36  ? 10  A  A N1    1 
ATOM   206 C C2    . A  A 1 10 ? -0.005  1.012   -3.837  1.00 107.18 ? 10  A  A C2    1 
ATOM   207 N N3    . A  A 1 10 ? -0.781  2.095   -3.806  1.00 94.08  ? 10  A  A N3    1 
ATOM   208 C C4    . A  A 1 10 ? -1.593  2.066   -2.735  1.00 76.96  ? 10  A  A C4    1 
ATOM   209 P P     . A  A 1 11 ? -5.010  7.407   -5.734  1.00 86.90  ? 11  A  A P     1 
ATOM   210 O OP1   . A  A 1 11 ? -5.317  8.250   -4.563  1.00 85.76  ? 11  A  A OP1   1 
ATOM   211 O OP2   . A  A 1 11 ? -6.071  7.029   -6.680  1.00 103.89 ? 11  A  A OP2   1 
ATOM   212 O "O5'" . A  A 1 11 ? -3.823  8.155   -6.486  1.00 83.85  ? 11  A  A "O5'" 1 
ATOM   213 C "C5'" . A  A 1 11 ? -3.926  9.501   -6.978  1.00 81.05  ? 11  A  A "C5'" 1 
ATOM   214 C "C4'" . A  A 1 11 ? -2.551  9.951   -7.413  1.00 86.19  ? 11  A  A "C4'" 1 
ATOM   215 O "O4'" . A  A 1 11 ? -1.651  9.812   -6.281  1.00 83.61  ? 11  A  A "O4'" 1 
ATOM   216 C "C3'" . A  A 1 11 ? -1.893  9.123   -8.520  1.00 85.45  ? 11  A  A "C3'" 1 
ATOM   217 O "O3'" . A  A 1 11 ? -2.195  9.573   -9.831  1.00 86.03  ? 11  A  A "O3'" 1 
ATOM   218 C "C2'" . A  A 1 11 ? -0.415  9.313   -8.230  1.00 74.70  ? 11  A  A "C2'" 1 
ATOM   219 O "O2'" . A  A 1 11 ? 0.151   10.554  -8.608  1.00 80.72  ? 11  A  A "O2'" 1 
ATOM   220 C "C1'" . A  A 1 11 ? -0.423  9.256   -6.712  1.00 77.93  ? 11  A  A "C1'" 1 
ATOM   221 N N9    . A  A 1 11 ? -0.344  7.892   -6.227  1.00 75.95  ? 11  A  A N9    1 
ATOM   222 C C8    . A  A 1 11 ? -1.258  7.182   -5.491  1.00 85.62  ? 11  A  A C8    1 
ATOM   223 N N7    . A  A 1 11 ? -0.860  5.973   -5.180  1.00 84.61  ? 11  A  A N7    1 
ATOM   224 C C5    . A  A 1 11 ? 0.397   5.879   -5.757  1.00 77.93  ? 11  A  A C5    1 
ATOM   225 C C6    . A  A 1 11 ? 1.332   4.835   -5.813  1.00 79.97  ? 11  A  A C6    1 
ATOM   226 N N6    . A  A 1 11 ? 1.139   3.646   -5.246  1.00 91.79  ? 11  A  A N6    1 
ATOM   227 N N1    . A  A 1 11 ? 2.491   5.061   -6.467  1.00 75.71  ? 11  A  A N1    1 
ATOM   228 C C2    . A  A 1 11 ? 2.675   6.257   -7.045  1.00 88.78  ? 11  A  A C2    1 
ATOM   229 N N3    . A  A 1 11 ? 1.864   7.315   -7.071  1.00 79.70  ? 11  A  A N3    1 
ATOM   230 C C4    . A  A 1 11 ? 0.727   7.053   -6.405  1.00 79.24  ? 11  A  A C4    1 
ATOM   231 P P     . G  A 1 12 ? -2.873  8.598   -10.900 1.00 90.37  ? 12  G  A P     1 
ATOM   232 O OP1   . G  A 1 12 ? -3.329  9.484   -11.994 1.00 90.46  ? 12  G  A OP1   1 
ATOM   233 O OP2   . G  A 1 12 ? -3.838  7.660   -10.214 1.00 66.79  ? 12  G  A OP2   1 
ATOM   234 O "O5'" . G  A 1 12 ? -1.690  7.617   -11.325 1.00 80.97  ? 12  G  A "O5'" 1 
ATOM   235 C "C5'" . G  A 1 12 ? -0.396  8.118   -11.699 1.00 82.67  ? 12  G  A "C5'" 1 
ATOM   236 C "C4'" . G  A 1 12 ? 0.585   6.976   -11.817 1.00 84.98  ? 12  G  A "C4'" 1 
ATOM   237 O "O4'" . G  A 1 12 ? 1.156   6.678   -10.518 1.00 88.27  ? 12  G  A "O4'" 1 
ATOM   238 C "C3'" . G  A 1 12 ? 0.034   5.639   -12.297 1.00 88.40  ? 12  G  A "C3'" 1 
ATOM   239 O "O3'" . G  A 1 12 ? 0.064   5.612   -13.708 1.00 93.73  ? 12  G  A "O3'" 1 
ATOM   240 C "C2'" . G  A 1 12 ? 1.053   4.663   -11.735 1.00 81.92  ? 12  G  A "C2'" 1 
ATOM   241 O "O2'" . G  A 1 12 ? 2.208   4.602   -12.560 1.00 81.16  ? 12  G  A "O2'" 1 
ATOM   242 C "C1'" . G  A 1 12 ? 1.267   5.268   -10.350 1.00 79.15  ? 12  G  A "C1'" 1 
ATOM   243 N N9    . G  A 1 12 ? 0.227   4.839   -9.428  1.00 73.26  ? 12  G  A N9    1 
ATOM   244 C C8    . G  A 1 12 ? -0.884  5.553   -9.039  1.00 89.15  ? 12  G  A C8    1 
ATOM   245 N N7    . G  A 1 12 ? -1.657  4.893   -8.218  1.00 85.66  ? 12  G  A N7    1 
ATOM   246 C C5    . G  A 1 12 ? -1.036  3.660   -8.081  1.00 64.32  ? 12  G  A C5    1 
ATOM   247 C C6    . G  A 1 12 ? -1.438  2.507   -7.360  1.00 61.19  ? 12  G  A C6    1 
ATOM   248 O O6    . G  A 1 12 ? -2.449  2.347   -6.663  1.00 73.59  ? 12  G  A O6    1 
ATOM   249 N N1    . G  A 1 12 ? -0.530  1.465   -7.513  1.00 51.65  ? 12  G  A N1    1 
ATOM   250 C C2    . G  A 1 12 ? 0.615   1.522   -8.271  1.00 67.16  ? 12  G  A C2    1 
ATOM   251 N N2    . G  A 1 12 ? 1.379   0.417   -8.274  1.00 66.38  ? 12  G  A N2    1 
ATOM   252 N N3    . G  A 1 12 ? 0.991   2.588   -8.969  1.00 62.99  ? 12  G  A N3    1 
ATOM   253 C C4    . G  A 1 12 ? 0.129   3.613   -8.822  1.00 62.85  ? 12  G  A C4    1 
ATOM   254 P P     . G  A 1 13 ? -1.008  4.784   -14.505 1.00 84.11  ? 13  G  A P     1 
ATOM   255 O OP1   . G  A 1 13 ? -0.570  4.818   -15.927 1.00 91.16  ? 13  G  A OP1   1 
ATOM   256 O OP2   . G  A 1 13 ? -2.344  5.311   -14.144 1.00 80.85  ? 13  G  A OP2   1 
ATOM   257 O "O5'" . G  A 1 13 ? -0.851  3.307   -13.923 1.00 59.96  ? 13  G  A "O5'" 1 
ATOM   258 C "C5'" . G  A 1 13 ? 0.258   2.531   -14.380 1.00 59.44  ? 13  G  A "C5'" 1 
ATOM   259 C "C4'" . G  A 1 13 ? 0.333   1.211   -13.663 1.00 68.60  ? 13  G  A "C4'" 1 
ATOM   260 O "O4'" . G  A 1 13 ? 0.326   1.414   -12.231 1.00 84.92  ? 13  G  A "O4'" 1 
ATOM   261 C "C3'" . G  A 1 13 ? -0.842  0.284   -13.880 1.00 73.16  ? 13  G  A "C3'" 1 
ATOM   262 O "O3'" . G  A 1 13 ? -0.709  -0.443  -15.069 1.00 86.88  ? 13  G  A "O3'" 1 
ATOM   263 C "C2'" . G  A 1 13 ? -0.735  -0.657  -12.695 1.00 73.05  ? 13  G  A "C2'" 1 
ATOM   264 O "O2'" . G  A 1 13 ? 0.138   -1.753  -12.829 1.00 66.59  ? 13  G  A "O2'" 1 
ATOM   265 C "C1'" . G  A 1 13 ? -0.327  0.316   -11.602 1.00 76.39  ? 13  G  A "C1'" 1 
ATOM   266 N N9    . G  A 1 13 ? -1.474  0.815   -10.848 1.00 78.26  ? 13  G  A N9    1 
ATOM   267 C C8    . G  A 1 13 ? -2.012  2.082   -10.833 1.00 83.10  ? 13  G  A C8    1 
ATOM   268 N N7    . G  A 1 13 ? -3.023  2.200   -10.014 1.00 78.37  ? 13  G  A N7    1 
ATOM   269 C C5    . G  A 1 13 ? -3.170  0.932   -9.469  1.00 79.77  ? 13  G  A C5    1 
ATOM   270 C C6    . G  A 1 13 ? -4.102  0.440   -8.511  1.00 84.30  ? 13  G  A C6    1 
ATOM   271 O O6    . G  A 1 13 ? -4.988  1.061   -7.900  1.00 73.72  ? 13  G  A O6    1 
ATOM   272 N N1    . G  A 1 13 ? -3.908  -0.917  -8.261  1.00 69.78  ? 13  G  A N1    1 
ATOM   273 C C2    . G  A 1 13 ? -2.932  -1.693  -8.845  1.00 69.65  ? 13  G  A C2    1 
ATOM   274 N N2    . G  A 1 13 ? -2.879  -2.970  -8.460  1.00 75.83  ? 13  G  A N2    1 
ATOM   275 N N3    . G  A 1 13 ? -2.061  -1.246  -9.731  1.00 64.59  ? 13  G  A N3    1 
ATOM   276 C C4    . G  A 1 13 ? -2.227  0.066   -9.984  1.00 70.41  ? 13  G  A C4    1 
ATOM   277 P P     . C  A 1 14 ? -1.990  -0.724  -15.984 1.00 92.24  ? 14  C  A P     1 
ATOM   278 O OP1   . C  A 1 14 ? -1.484  -1.478  -17.165 1.00 90.14  ? 14  C  A OP1   1 
ATOM   279 O OP2   . C  A 1 14 ? -2.729  0.564   -16.200 1.00 71.55  ? 14  C  A OP2   1 
ATOM   280 O "O5'" . C  A 1 14 ? -2.767  -1.835  -15.146 1.00 74.44  ? 14  C  A "O5'" 1 
ATOM   281 C "C5'" . C  A 1 14 ? -2.266  -3.171  -15.295 1.00 74.65  ? 14  C  A "C5'" 1 
ATOM   282 C "C4'" . C  A 1 14 ? -2.790  -4.065  -14.223 1.00 78.38  ? 14  C  A "C4'" 1 
ATOM   283 O "O4'" . C  A 1 14 ? -2.703  -3.387  -12.959 1.00 79.67  ? 14  C  A "O4'" 1 
ATOM   284 C "C3'" . C  A 1 14 ? -4.256  -4.428  -14.301 1.00 88.26  ? 14  C  A "C3'" 1 
ATOM   285 O "O3'" . C  A 1 14 ? -4.503  -5.476  -15.209 1.00 87.48  ? 14  C  A "O3'" 1 
ATOM   286 C "C2'" . C  A 1 14 ? -4.497  -4.907  -12.890 1.00 87.00  ? 14  C  A "C2'" 1 
ATOM   287 O "O2'" . C  A 1 14 ? -3.866  -6.147  -12.656 1.00 84.07  ? 14  C  A "O2'" 1 
ATOM   288 C "C1'" . C  A 1 14 ? -3.765  -3.820  -12.124 1.00 80.64  ? 14  C  A "C1'" 1 
ATOM   289 N N1    . C  A 1 14 ? -4.584  -2.652  -11.789 1.00 72.26  ? 14  C  A N1    1 
ATOM   290 C C2    . C  A 1 14 ? -5.546  -2.767  -10.778 1.00 83.16  ? 14  C  A C2    1 
ATOM   291 O O2    . C  A 1 14 ? -5.731  -3.878  -10.243 1.00 82.60  ? 14  C  A O2    1 
ATOM   292 N N3    . C  A 1 14 ? -6.254  -1.672  -10.414 1.00 75.42  ? 14  C  A N3    1 
ATOM   293 C C4    . C  A 1 14 ? -6.027  -0.503  -11.016 1.00 73.46  ? 14  C  A C4    1 
ATOM   294 N N4    . C  A 1 14 ? -6.748  0.550   -10.631 1.00 83.95  ? 14  C  A N4    1 
ATOM   295 C C5    . C  A 1 14 ? -5.049  -0.359  -12.038 1.00 69.98  ? 14  C  A C5    1 
ATOM   296 C C6    . C  A 1 14 ? -4.353  -1.446  -12.387 1.00 65.77  ? 14  C  A C6    1 
ATOM   297 P P     . A  A 1 15 ? -5.652  -5.324  -16.286 1.00 92.13  ? 15  A  A P     1 
ATOM   298 O OP1   . A  A 1 15 ? -5.276  -6.271  -17.355 1.00 74.10  ? 15  A  A OP1   1 
ATOM   299 O OP2   . A  A 1 15 ? -5.920  -3.854  -16.607 1.00 72.62  ? 15  A  A OP2   1 
ATOM   300 O "O5'" . A  A 1 15 ? -6.929  -5.742  -15.442 1.00 80.79  ? 15  A  A "O5'" 1 
ATOM   301 C "C5'" . A  A 1 15 ? -7.019  -7.090  -15.011 1.00 85.93  ? 15  A  A "C5'" 1 
ATOM   302 C "C4'" . A  A 1 15 ? -7.991  -7.190  -13.882 1.00 87.59  ? 15  A  A "C4'" 1 
ATOM   303 O "O4'" . A  A 1 15 ? -7.594  -6.311  -12.799 1.00 96.31  ? 15  A  A "O4'" 1 
ATOM   304 C "C3'" . A  A 1 15 ? -9.404  -6.708  -14.148 1.00 90.30  ? 15  A  A "C3'" 1 
ATOM   305 O "O3'" . A  A 1 15 ? -10.111 -7.617  -14.965 1.00 97.47  ? 15  A  A "O3'" 1 
ATOM   306 C "C2'" . A  A 1 15 ? -9.913  -6.659  -12.724 1.00 92.57  ? 15  A  A "C2'" 1 
ATOM   307 O "O2'" . A  A 1 15 ? -9.990  -7.956  -12.182 1.00 91.12  ? 15  A  A "O2'" 1 
ATOM   308 C "C1'" . A  A 1 15 ? -8.745  -5.948  -12.049 1.00 90.13  ? 15  A  A "C1'" 1 
ATOM   309 N N9    . A  A 1 15 ? -8.898  -4.496  -12.088 1.00 85.01  ? 15  A  A N9    1 
ATOM   310 C C8    . A  A 1 15 ? -8.258  -3.577  -12.888 1.00 87.54  ? 15  A  A C8    1 
ATOM   311 N N7    . A  A 1 15 ? -8.637  -2.337  -12.677 1.00 83.47  ? 15  A  A N7    1 
ATOM   312 C C5    . A  A 1 15 ? -9.601  -2.448  -11.683 1.00 79.27  ? 15  A  A C5    1 
ATOM   313 C C6    . A  A 1 15 ? -10.409 -1.495  -11.040 1.00 71.04  ? 15  A  A C6    1 
ATOM   314 N N6    . A  A 1 15 ? -10.349 -0.189  -11.303 1.00 59.12  ? 15  A  A N6    1 
ATOM   315 N N1    . A  A 1 15 ? -11.303 -1.938  -10.121 1.00 76.62  ? 15  A  A N1    1 
ATOM   316 C C2    . A  A 1 15 ? -11.350 -3.255  -9.852  1.00 72.72  ? 15  A  A C2    1 
ATOM   317 N N3    . A  A 1 15 ? -10.644 -4.250  -10.396 1.00 71.87  ? 15  A  A N3    1 
ATOM   318 C C4    . A  A 1 15 ? -9.780  -3.774  -11.317 1.00 81.74  ? 15  A  A C4    1 
ATOM   319 P P     . U  A 1 16 ? -11.075 -7.104  -16.144 1.00 97.49  ? 16  U  A P     1 
ATOM   320 O OP1   . U  A 1 16 ? -11.301 -8.273  -17.010 1.00 87.27  ? 16  U  A OP1   1 
ATOM   321 O OP2   . U  A 1 16 ? -10.526 -5.843  -16.739 1.00 83.99  ? 16  U  A OP2   1 
ATOM   322 O "O5'" . U  A 1 16 ? -12.433 -6.756  -15.378 1.00 92.89  ? 16  U  A "O5'" 1 
ATOM   323 C "C5'" . U  A 1 16 ? -13.017 -7.652  -14.393 1.00 86.16  ? 16  U  A "C5'" 1 
ATOM   324 C "C4'" . U  A 1 16 ? -14.126 -6.971  -13.608 1.00 84.95  ? 16  U  A "C4'" 1 
ATOM   325 O "O4'" . U  A 1 16 ? -13.565 -6.036  -12.645 1.00 91.65  ? 16  U  A "O4'" 1 
ATOM   326 C "C3'" . U  A 1 16 ? -15.088 -6.098  -14.394 1.00 92.75  ? 16  U  A "C3'" 1 
ATOM   327 O "O3'" . U  A 1 16 ? -16.063 -6.874  -15.058 1.00 89.18  ? 16  U  A "O3'" 1 
ATOM   328 C "C2'" . U  A 1 16 ? -15.691 -5.248  -13.290 1.00 95.65  ? 16  U  A "C2'" 1 
ATOM   329 O "O2'" . U  A 1 16 ? -16.529 -5.937  -12.400 1.00 93.24  ? 16  U  A "O2'" 1 
ATOM   330 C "C1'" . U  A 1 16 ? -14.455 -4.936  -12.457 1.00 90.43  ? 16  U  A "C1'" 1 
ATOM   331 N N1    . U  A 1 16 ? -13.788 -3.679  -12.844 1.00 80.56  ? 16  U  A N1    1 
ATOM   332 C C2    . U  A 1 16 ? -14.380 -2.490  -12.457 1.00 80.14  ? 16  U  A C2    1 
ATOM   333 O O2    . U  A 1 16 ? -15.410 -2.442  -11.809 1.00 74.40  ? 16  U  A O2    1 
ATOM   334 N N3    . U  A 1 16 ? -13.698 -1.357  -12.828 1.00 76.04  ? 16  U  A N3    1 
ATOM   335 C C4    . U  A 1 16 ? -12.530 -1.288  -13.548 1.00 93.66  ? 16  U  A C4    1 
ATOM   336 O O4    . U  A 1 16 ? -12.051 -0.186  -13.824 1.00 101.87 ? 16  U  A O4    1 
ATOM   337 C C5    . U  A 1 16 ? -11.990 -2.557  -13.927 1.00 100.89 ? 16  U  A C5    1 
ATOM   338 C C6    . U  A 1 16 ? -12.619 -3.682  -13.567 1.00 88.90  ? 16  U  A C6    1 
ATOM   339 P P     . G  A 1 17 ? -16.301 -6.715  -16.627 1.00 91.08  ? 17  G  A P     1 
ATOM   340 O OP1   . G  A 1 17 ? -17.050 -7.929  -17.095 1.00 71.77  ? 17  G  A OP1   1 
ATOM   341 O OP2   . G  A 1 17 ? -15.036 -6.239  -17.260 1.00 79.53  ? 17  G  A OP2   1 
ATOM   342 O "O5'" . G  A 1 17 ? -17.232 -5.417  -16.717 1.00 74.10  ? 17  G  A "O5'" 1 
ATOM   343 C "C5'" . G  A 1 17 ? -18.311 -5.270  -15.774 1.00 71.56  ? 17  G  A "C5'" 1 
ATOM   344 C "C4'" . G  A 1 17 ? -18.780 -3.843  -15.679 1.00 82.76  ? 17  G  A "C4'" 1 
ATOM   345 O "O4'" . G  A 1 17 ? -17.960 -3.137  -14.711 1.00 100.90 ? 17  G  A "O4'" 1 
ATOM   346 C "C3'" . G  A 1 17 ? -18.721 -2.973  -16.929 1.00 87.73  ? 17  G  A "C3'" 1 
ATOM   347 O "O3'" . G  A 1 17 ? -19.831 -3.194  -17.810 1.00 96.31  ? 17  G  A "O3'" 1 
ATOM   348 C "C2'" . G  A 1 17 ? -18.754 -1.578  -16.310 1.00 84.78  ? 17  G  A "C2'" 1 
ATOM   349 O "O2'" . G  A 1 17 ? -20.059 -1.193  -15.933 1.00 78.81  ? 17  G  A "O2'" 1 
ATOM   350 C "C1'" . G  A 1 17 ? -17.864 -1.770  -15.076 1.00 94.41  ? 17  G  A "C1'" 1 
ATOM   351 N N9    . G  A 1 17 ? -16.474 -1.475  -15.389 1.00 93.11  ? 17  G  A N9    1 
ATOM   352 C C8    . G  A 1 17 ? -15.515 -2.367  -15.803 1.00 98.51  ? 17  G  A C8    1 
ATOM   353 N N7    . G  A 1 17 ? -14.387 -1.793  -16.117 1.00 103.57 ? 17  G  A N7    1 
ATOM   354 C C5    . G  A 1 17 ? -14.619 -0.441  -15.911 1.00 102.44 ? 17  G  A C5    1 
ATOM   355 C C6    . G  A 1 17 ? -13.758 0.670   -16.067 1.00 102.93 ? 17  G  A C6    1 
ATOM   356 O O6    . G  A 1 17 ? -12.574 0.681   -16.420 1.00 123.68 ? 17  G  A O6    1 
ATOM   357 N N1    . G  A 1 17 ? -14.391 1.861   -15.725 1.00 91.51  ? 17  G  A N1    1 
ATOM   358 C C2    . G  A 1 17 ? -15.686 1.969   -15.290 1.00 91.82  ? 17  G  A C2    1 
ATOM   359 N N2    . G  A 1 17 ? -16.120 3.209   -15.022 1.00 97.25  ? 17  G  A N2    1 
ATOM   360 N N3    . G  A 1 17 ? -16.507 0.940   -15.158 1.00 109.03 ? 17  G  A N3    1 
ATOM   361 C C4    . G  A 1 17 ? -15.905 -0.227  -15.469 1.00 102.38 ? 17  G  A C4    1 
ATOM   362 P P     . A  A 1 18 ? -19.692 -2.974  -19.403 1.00 89.38  ? 18  A  A P     1 
ATOM   363 O OP1   . A  A 1 18 ? -21.051 -3.013  -19.989 1.00 101.76 ? 18  A  A OP1   1 
ATOM   364 O OP2   . A  A 1 18 ? -18.609 -3.853  -19.906 1.00 63.80  ? 18  A  A OP2   1 
ATOM   365 O "O5'" . A  A 1 18 ? -19.287 -1.450  -19.547 1.00 73.98  ? 18  A  A "O5'" 1 
ATOM   366 C "C5'" . A  A 1 18 ? -18.618 -0.979  -20.704 1.00 70.67  ? 18  A  A "C5'" 1 
ATOM   367 C "C4'" . A  A 1 18 ? -19.181 0.379   -21.022 1.00 76.55  ? 18  A  A "C4'" 1 
ATOM   368 O "O4'" . A  A 1 18 ? -20.600 0.253   -21.252 1.00 86.08  ? 18  A  A "O4'" 1 
ATOM   369 C "C3'" . A  A 1 18 ? -19.045 1.395   -19.899 1.00 77.45  ? 18  A  A "C3'" 1 
ATOM   370 O "O3'" . A  A 1 18 ? -17.816 2.037   -20.143 1.00 88.68  ? 18  A  A "O3'" 1 
ATOM   371 C "C2'" . A  A 1 18 ? -20.266 2.282   -20.067 1.00 72.64  ? 18  A  A "C2'" 1 
ATOM   372 O "O2'" . A  A 1 18 ? -20.173 3.399   -20.913 1.00 75.10  ? 18  A  A "O2'" 1 
ATOM   373 C "C1'" . A  A 1 18 ? -21.288 1.297   -20.611 1.00 69.82  ? 18  A  A "C1'" 1 
ATOM   374 N N9    . A  A 1 18 ? -22.126 0.707   -19.584 1.00 67.24  ? 18  A  A N9    1 
ATOM   375 C C8    . A  A 1 18 ? -22.257 -0.612  -19.220 1.00 67.15  ? 18  A  A C8    1 
ATOM   376 N N7    . A  A 1 18 ? -23.150 -0.814  -18.282 1.00 75.15  ? 18  A  A N7    1 
ATOM   377 C C5    . A  A 1 18 ? -23.649 0.458   -18.019 1.00 61.07  ? 18  A  A C5    1 
ATOM   378 C C6    . A  A 1 18 ? -24.616 0.925   -17.119 1.00 62.41  ? 18  A  A C6    1 
ATOM   379 N N6    . A  A 1 18 ? -25.298 0.130   -16.294 1.00 69.84  ? 18  A  A N6    1 
ATOM   380 N N1    . A  A 1 18 ? -24.848 2.256   -17.076 1.00 65.55  ? 18  A  A N1    1 
ATOM   381 C C2    . A  A 1 18 ? -24.173 3.051   -17.918 1.00 72.51  ? 18  A  A C2    1 
ATOM   382 N N3    . A  A 1 18 ? -23.249 2.726   -18.820 1.00 68.71  ? 18  A  A N3    1 
ATOM   383 C C4    . A  A 1 18 ? -23.029 1.400   -18.817 1.00 62.12  ? 18  A  A C4    1 
ATOM   384 P P     . A  A 1 19 ? -16.753 2.169   -18.982 1.00 96.32  ? 19  A  A P     1 
ATOM   385 O OP1   . A  A 1 19 ? -15.541 2.785   -19.596 1.00 80.86  ? 19  A  A OP1   1 
ATOM   386 O OP2   . A  A 1 19 ? -16.642 0.848   -18.245 1.00 66.32  ? 19  A  A OP2   1 
ATOM   387 O "O5'" . A  A 1 19 ? -17.416 3.359   -18.175 1.00 74.96  ? 19  A  A "O5'" 1 
ATOM   388 C "C5'" . A  A 1 19 ? -17.408 4.633   -18.836 1.00 78.63  ? 19  A  A "C5'" 1 
ATOM   389 C "C4'" . A  A 1 19 ? -18.474 5.498   -18.256 1.00 78.63  ? 19  A  A "C4'" 1 
ATOM   390 O "O4'" . A  A 1 19 ? -19.693 4.741   -18.284 1.00 86.01  ? 19  A  A "O4'" 1 
ATOM   391 C "C3'" . A  A 1 19 ? -18.291 5.877   -16.792 1.00 93.14  ? 19  A  A "C3'" 1 
ATOM   392 O "O3'" . A  A 1 19 ? -17.529 7.073   -16.705 1.00 106.35 ? 19  A  A "O3'" 1 
ATOM   393 C "C2'" . A  A 1 19 ? -19.730 6.102   -16.349 1.00 101.60 ? 19  A  A "C2'" 1 
ATOM   394 O "O2'" . A  A 1 19 ? -20.322 7.342   -16.740 1.00 99.61  ? 19  A  A "O2'" 1 
ATOM   395 C "C1'" . A  A 1 19 ? -20.434 4.984   -17.105 1.00 85.06  ? 19  A  A "C1'" 1 
ATOM   396 N N9    . A  A 1 19 ? -20.642 3.710   -16.415 1.00 81.57  ? 19  A  A N9    1 
ATOM   397 C C8    . A  A 1 19 ? -19.999 2.502   -16.562 1.00 81.84  ? 19  A  A C8    1 
ATOM   398 N N7    . A  A 1 19 ? -20.545 1.525   -15.873 1.00 67.01  ? 19  A  A N7    1 
ATOM   399 C C5    . A  A 1 19 ? -21.637 2.122   -15.264 1.00 61.48  ? 19  A  A C5    1 
ATOM   400 C C6    . A  A 1 19 ? -22.618 1.625   -14.401 1.00 67.13  ? 19  A  A C6    1 
ATOM   401 N N6    . A  A 1 19 ? -22.662 0.361   -13.987 1.00 66.01  ? 19  A  A N6    1 
ATOM   402 N N1    . A  A 1 19 ? -23.570 2.483   -13.965 1.00 71.26  ? 19  A  A N1    1 
ATOM   403 C C2    . A  A 1 19 ? -23.523 3.754   -14.380 1.00 68.76  ? 19  A  A C2    1 
ATOM   404 N N3    . A  A 1 19 ? -22.639 4.344   -15.183 1.00 66.79  ? 19  A  A N3    1 
ATOM   405 C C4    . A  A 1 19 ? -21.715 3.463   -15.596 1.00 67.27  ? 19  A  A C4    1 
ATOM   406 P P     . A  A 1 20 ? -16.708 7.419   -15.392 1.00 97.43  ? 20  A  A P     1 
ATOM   407 O OP1   . A  A 1 20 ? -16.175 8.807   -15.591 1.00 91.95  ? 20  A  A OP1   1 
ATOM   408 O OP2   . A  A 1 20 ? -15.801 6.261   -15.100 1.00 75.68  ? 20  A  A OP2   1 
ATOM   409 O "O5'" . A  A 1 20 ? -17.817 7.455   -14.246 1.00 78.83  ? 20  A  A "O5'" 1 
ATOM   410 C "C5'" . A  A 1 20 ? -18.445 8.695   -13.826 1.00 83.32  ? 20  A  A "C5'" 1 
ATOM   411 C "C4'" . A  A 1 20 ? -19.571 8.466   -12.815 1.00 89.97  ? 20  A  A "C4'" 1 
ATOM   412 O "O4'" . A  A 1 20 ? -20.520 7.448   -13.282 1.00 82.42  ? 20  A  A "O4'" 1 
ATOM   413 C "C3'" . A  A 1 20 ? -19.189 8.013   -11.401 1.00 90.69  ? 20  A  A "C3'" 1 
ATOM   414 O "O3'" . A  A 1 20 ? -18.755 9.084   -10.564 1.00 98.91  ? 20  A  A "O3'" 1 
ATOM   415 C "C2'" . A  A 1 20 ? -20.505 7.399   -10.925 1.00 86.34  ? 20  A  A "C2'" 1 
ATOM   416 O "O2'" . A  A 1 20 ? -21.481 8.347   -10.536 1.00 80.97  ? 20  A  A "O2'" 1 
ATOM   417 C "C1'" . A  A 1 20 ? -20.943 6.648   -12.184 1.00 72.78  ? 20  A  A "C1'" 1 
ATOM   418 N N9    . A  A 1 20 ? -20.326 5.328   -12.312 1.00 62.39  ? 20  A  A N9    1 
ATOM   419 C C8    . A  A 1 20 ? -19.088 5.034   -12.831 1.00 68.40  ? 20  A  A C8    1 
ATOM   420 N N7    . A  A 1 20 ? -18.792 3.758   -12.808 1.00 69.82  ? 20  A  A N7    1 
ATOM   421 C C5    . A  A 1 20 ? -19.904 3.169   -12.227 1.00 61.58  ? 20  A  A C5    1 
ATOM   422 C C6    . A  A 1 20 ? -20.224 1.830   -11.954 1.00 66.40  ? 20  A  A C6    1 
ATOM   423 N N6    . A  A 1 20 ? -19.398 0.816   -12.207 1.00 83.23  ? 20  A  A N6    1 
ATOM   424 N N1    . A  A 1 20 ? -21.425 1.567   -11.387 1.00 58.28  ? 20  A  A N1    1 
ATOM   425 C C2    . A  A 1 20 ? -22.254 2.595   -11.147 1.00 69.44  ? 20  A  A C2    1 
ATOM   426 N N3    . A  A 1 20 ? -22.075 3.901   -11.386 1.00 63.02  ? 20  A  A N3    1 
ATOM   427 C C4    . A  A 1 20 ? -20.860 4.123   -11.920 1.00 63.07  ? 20  A  A C4    1 
ATOM   428 P P     . G  A 1 21 ? -17.474 8.959   -9.559  1.00 97.52  ? 21  G  A P     1 
ATOM   429 O OP1   . G  A 1 21 ? -17.749 9.884   -8.439  1.00 89.05  ? 21  G  A OP1   1 
ATOM   430 O OP2   . G  A 1 21 ? -16.227 9.097   -10.361 1.00 82.43  ? 21  G  A OP2   1 
ATOM   431 O "O5'" . G  A 1 21 ? -17.539 7.481   -8.962  1.00 95.75  ? 21  G  A "O5'" 1 
ATOM   432 C "C5'" . G  A 1 21 ? -18.223 7.219   -7.711  1.00 99.72  ? 21  G  A "C5'" 1 
ATOM   433 C "C4'" . G  A 1 21 ? -18.736 5.796   -7.656  1.00 94.86  ? 21  G  A "C4'" 1 
ATOM   434 O "O4'" . G  A 1 21 ? -18.835 5.278   -8.999  1.00 95.67  ? 21  G  A "O4'" 1 
ATOM   435 C "C3'" . G  A 1 21 ? -17.835 4.799   -6.954  1.00 93.38  ? 21  G  A "C3'" 1 
ATOM   436 O "O3'" . G  A 1 21 ? -18.032 4.808   -5.563  1.00 99.83  ? 21  G  A "O3'" 1 
ATOM   437 C "C2'" . G  A 1 21 ? -18.240 3.471   -7.575  1.00 79.60  ? 21  G  A "C2'" 1 
ATOM   438 O "O2'" . G  A 1 21 ? -19.371 2.785   -7.071  1.00 74.66  ? 21  G  A "O2'" 1 
ATOM   439 C "C1'" . G  A 1 21 ? -18.496 3.908   -9.005  1.00 78.44  ? 21  G  A "C1'" 1 
ATOM   440 N N9    . G  A 1 21 ? -17.337 3.718   -9.855  1.00 69.31  ? 21  G  A N9    1 
ATOM   441 C C8    . G  A 1 21 ? -16.557 4.651   -10.497 1.00 72.65  ? 21  G  A C8    1 
ATOM   442 N N7    . G  A 1 21 ? -15.614 4.113   -11.224 1.00 76.88  ? 21  G  A N7    1 
ATOM   443 C C5    . G  A 1 21 ? -15.789 2.746   -11.051 1.00 70.51  ? 21  G  A C5    1 
ATOM   444 C C6    . G  A 1 21 ? -15.082 1.645   -11.607 1.00 74.11  ? 21  G  A C6    1 
ATOM   445 O O6    . G  A 1 21 ? -14.128 1.651   -12.390 1.00 66.95  ? 21  G  A O6    1 
ATOM   446 N N1    . G  A 1 21 ? -15.604 0.434   -11.169 1.00 74.08  ? 21  G  A N1    1 
ATOM   447 C C2    . G  A 1 21 ? -16.681 0.294   -10.332 1.00 72.85  ? 21  G  A C2    1 
ATOM   448 N N2    . G  A 1 21 ? -17.031 -0.964  -10.025 1.00 82.96  ? 21  G  A N2    1 
ATOM   449 N N3    . G  A 1 21 ? -17.356 1.308   -9.824  1.00 62.25  ? 21  G  A N3    1 
ATOM   450 C C4    . G  A 1 21 ? -16.860 2.493   -10.222 1.00 64.85  ? 21  G  A C4    1 
ATOM   451 P P     . U  A 1 22 ? -16.800 4.520   -4.639  1.00 104.47 ? 22  U  A P     1 
ATOM   452 O OP1   . U  A 1 22 ? -17.227 4.871   -3.250  1.00 95.21  ? 22  U  A OP1   1 
ATOM   453 O OP2   . U  A 1 22 ? -15.600 5.155   -5.270  1.00 73.65  ? 22  U  A OP2   1 
ATOM   454 O "O5'" . U  A 1 22 ? -16.580 2.950   -4.815  1.00 88.79  ? 22  U  A "O5'" 1 
ATOM   455 C "C5'" . U  A 1 22 ? -17.580 2.048   -4.304  1.00 99.22  ? 22  U  A "C5'" 1 
ATOM   456 C "C4'" . U  A 1 22 ? -17.317 0.628   -4.749  1.00 96.51  ? 22  U  A "C4'" 1 
ATOM   457 O "O4'" . U  A 1 22 ? -16.944 0.639   -6.136  1.00 90.40  ? 22  U  A "O4'" 1 
ATOM   458 C "C3'" . U  A 1 22 ? -16.186 -0.090  -4.032  1.00 99.18  ? 22  U  A "C3'" 1 
ATOM   459 O "O3'" . U  A 1 22 ? -16.694 -0.790  -2.902  1.00 102.93 ? 22  U  A "O3'" 1 
ATOM   460 C "C2'" . U  A 1 22 ? -15.636 -1.063  -5.074  1.00 87.54  ? 22  U  A "C2'" 1 
ATOM   461 O "O2'" . U  A 1 22 ? -16.228 -2.345  -5.035  1.00 78.44  ? 22  U  A "O2'" 1 
ATOM   462 C "C1'" . U  A 1 22 ? -16.023 -0.396  -6.387  1.00 79.95  ? 22  U  A "C1'" 1 
ATOM   463 N N1    . U  A 1 22 ? -14.949 0.155   -7.217  1.00 70.14  ? 22  U  A N1    1 
ATOM   464 C C2    . U  A 1 22 ? -14.139 -0.735  -7.904  1.00 76.71  ? 22  U  A C2    1 
ATOM   465 O O2    . U  A 1 22 ? -14.171 -1.944  -7.724  1.00 73.98  ? 22  U  A O2    1 
ATOM   466 N N3    . U  A 1 22 ? -13.260 -0.150  -8.784  1.00 73.02  ? 22  U  A N3    1 
ATOM   467 C C4    . U  A 1 22 ? -13.121 1.197   -9.050  1.00 75.24  ? 22  U  A C4    1 
ATOM   468 O O4    . U  A 1 22 ? -12.284 1.568   -9.869  1.00 80.19  ? 22  U  A O4    1 
ATOM   469 C C5    . U  A 1 22 ? -14.032 2.044   -8.344  1.00 78.19  ? 22  U  A C5    1 
ATOM   470 C C6    . U  A 1 22 ? -14.906 1.505   -7.485  1.00 76.75  ? 22  U  A C6    1 
ATOM   471 O OP3   . C  B 2 1  ? -9.825  -5.063  -0.068  1.00 134.19 ? 1   C  B OP3   1 
ATOM   472 P P     . C  B 2 1  ? -8.487  -4.274  -0.140  1.00 124.26 ? 1   C  B P     1 
ATOM   473 O OP1   . C  B 2 1  ? -7.729  -4.801  1.025   1.00 100.69 ? 1   C  B OP1   1 
ATOM   474 O OP2   . C  B 2 1  ? -8.823  -2.814  -0.268  1.00 98.86  ? 1   C  B OP2   1 
ATOM   475 O "O5'" . C  B 2 1  ? -7.751  -4.870  -1.423  1.00 106.38 ? 1   C  B "O5'" 1 
ATOM   476 C "C5'" . C  B 2 1  ? -7.262  -6.224  -1.408  1.00 88.73  ? 1   C  B "C5'" 1 
ATOM   477 C "C4'" . C  B 2 1  ? -6.511  -6.539  -2.680  1.00 91.42  ? 1   C  B "C4'" 1 
ATOM   478 O "O4'" . C  B 2 1  ? -7.168  -5.976  -3.841  1.00 85.03  ? 1   C  B "O4'" 1 
ATOM   479 C "C3'" . C  B 2 1  ? -5.128  -5.942  -2.779  1.00 92.48  ? 1   C  B "C3'" 1 
ATOM   480 O "O3'" . C  B 2 1  ? -4.299  -6.720  -1.979  1.00 94.57  ? 1   C  B "O3'" 1 
ATOM   481 C "C2'" . C  B 2 1  ? -4.849  -6.069  -4.258  1.00 84.66  ? 1   C  B "C2'" 1 
ATOM   482 O "O2'" . C  B 2 1  ? -4.575  -7.403  -4.628  1.00 94.56  ? 1   C  B "O2'" 1 
ATOM   483 C "C1'" . C  B 2 1  ? -6.192  -5.618  -4.810  1.00 74.51  ? 1   C  B "C1'" 1 
ATOM   484 N N1    . C  B 2 1  ? -6.277  -4.173  -5.016  1.00 72.59  ? 1   C  B N1    1 
ATOM   485 C C2    . C  B 2 1  ? -5.499  -3.600  -6.026  1.00 74.32  ? 1   C  B C2    1 
ATOM   486 O O2    . C  B 2 1  ? -4.740  -4.330  -6.676  1.00 76.36  ? 1   C  B O2    1 
ATOM   487 N N3    . C  B 2 1  ? -5.606  -2.270  -6.274  1.00 71.93  ? 1   C  B N3    1 
ATOM   488 C C4    . C  B 2 1  ? -6.463  -1.526  -5.563  1.00 73.45  ? 1   C  B C4    1 
ATOM   489 N N4    . C  B 2 1  ? -6.534  -0.219  -5.828  1.00 65.24  ? 1   C  B N4    1 
ATOM   490 C C5    . C  B 2 1  ? -7.262  -2.085  -4.521  1.00 77.07  ? 1   C  B C5    1 
ATOM   491 C C6    . C  B 2 1  ? -7.147  -3.402  -4.291  1.00 77.59  ? 1   C  B C6    1 
ATOM   492 P P     . U  B 2 2  ? -3.298  -5.997  -1.055  1.00 106.73 ? 2   U  B P     1 
ATOM   493 O OP1   . U  B 2 2  ? -2.588  -7.082  -0.323  1.00 83.33  ? 2   U  B OP1   1 
ATOM   494 O OP2   . U  B 2 2  ? -4.025  -4.896  -0.309  1.00 75.88  ? 2   U  B OP2   1 
ATOM   495 O "O5'" . U  B 2 2  ? -2.351  -5.301  -2.126  1.00 89.61  ? 2   U  B "O5'" 1 
ATOM   496 C "C5'" . U  B 2 2  ? -1.331  -6.082  -2.752  1.00 88.28  ? 2   U  B "C5'" 1 
ATOM   497 C "C4'" . U  B 2 2  ? -0.716  -5.290  -3.861  1.00 82.86  ? 2   U  B "C4'" 1 
ATOM   498 O "O4'" . U  B 2 2  ? -1.764  -4.620  -4.599  1.00 81.64  ? 2   U  B "O4'" 1 
ATOM   499 C "C3'" . U  B 2 2  ? 0.167   -4.144  -3.418  1.00 87.45  ? 2   U  B "C3'" 1 
ATOM   500 O "O3'" . U  B 2 2  ? 1.431   -4.696  -3.079  1.00 89.87  ? 2   U  B "O3'" 1 
ATOM   501 C "C2'" . U  B 2 2  ? 0.187   -3.302  -4.685  1.00 88.43  ? 2   U  B "C2'" 1 
ATOM   502 O "O2'" . U  B 2 2  ? 0.903   -3.958  -5.700  1.00 96.72  ? 2   U  B "O2'" 1 
ATOM   503 C "C1'" . U  B 2 2  ? -1.264  -3.410  -5.148  1.00 78.45  ? 2   U  B "C1'" 1 
ATOM   504 N N1    . U  B 2 2  ? -2.112  -2.282  -4.718  1.00 69.94  ? 2   U  B N1    1 
ATOM   505 C C2    . U  B 2 2  ? -2.088  -1.140  -5.495  1.00 68.82  ? 2   U  B C2    1 
ATOM   506 O O2    . U  B 2 2  ? -1.412  -1.042  -6.502  1.00 67.15  ? 2   U  B O2    1 
ATOM   507 N N3    . U  B 2 2  ? -2.883  -0.113  -5.045  1.00 70.93  ? 2   U  B N3    1 
ATOM   508 C C4    . U  B 2 2  ? -3.681  -0.108  -3.919  1.00 79.16  ? 2   U  B C4    1 
ATOM   509 O O4    . U  B 2 2  ? -4.335  0.905   -3.634  1.00 74.17  ? 2   U  B O4    1 
ATOM   510 C C5    . U  B 2 2  ? -3.662  -1.334  -3.177  1.00 75.83  ? 2   U  B C5    1 
ATOM   511 C C6    . U  B 2 2  ? -2.894  -2.350  -3.587  1.00 69.06  ? 2   U  B C6    1 
ATOM   512 P P     . A  B 2 3  ? 2.179   -4.339  -1.700  1.00 91.22  ? 3   A  B P     1 
ATOM   513 O OP1   . A  B 2 3  ? 2.750   -5.596  -1.181  1.00 72.97  ? 3   A  B OP1   1 
ATOM   514 O OP2   . A  B 2 3  ? 1.290   -3.496  -0.858  1.00 76.41  ? 3   A  B OP2   1 
ATOM   515 O "O5'" . A  B 2 3  ? 3.463   -3.523  -2.177  1.00 90.30  ? 3   A  B "O5'" 1 
ATOM   516 C "C5'" . A  B 2 3  ? 4.176   -2.627  -1.303  1.00 82.87  ? 3   A  B "C5'" 1 
ATOM   517 C "C4'" . A  B 2 3  ? 4.890   -1.596  -2.142  1.00 82.92  ? 3   A  B "C4'" 1 
ATOM   518 O "O4'" . A  B 2 3  ? 3.983   -0.491  -2.436  1.00 82.18  ? 3   A  B "O4'" 1 
ATOM   519 C "C3'" . A  B 2 3  ? 6.157   -0.968  -1.548  1.00 84.83  ? 3   A  B "C3'" 1 
ATOM   520 O "O3'" . A  B 2 3  ? 7.095   -1.010  -2.628  1.00 73.57  ? 3   A  B "O3'" 1 
ATOM   521 C "C2'" . A  B 2 3  ? 5.663   0.412   -1.090  1.00 84.03  ? 3   A  B "C2'" 1 
ATOM   522 O "O2'" . A  B 2 3  ? 6.664   1.405   -0.980  1.00 90.28  ? 3   A  B "O2'" 1 
ATOM   523 C "C1'" . A  B 2 3  ? 4.646   0.735   -2.186  1.00 79.05  ? 3   A  B "C1'" 1 
ATOM   524 N N9    . A  B 2 3  ? 3.639   1.758   -1.886  1.00 64.81  ? 3   A  B N9    1 
ATOM   525 C C8    . A  B 2 3  ? 2.520   1.616   -1.112  1.00 62.29  ? 3   A  B C8    1 
ATOM   526 N N7    . A  B 2 3  ? 1.782   2.699   -1.044  1.00 65.31  ? 3   A  B N7    1 
ATOM   527 C C5    . A  B 2 3  ? 2.448   3.609   -1.853  1.00 58.63  ? 3   A  B C5    1 
ATOM   528 C C6    . A  B 2 3  ? 2.194   4.961   -2.179  1.00 65.38  ? 3   A  B C6    1 
ATOM   529 N N6    . A  B 2 3  ? 1.133   5.654   -1.739  1.00 63.76  ? 3   A  B N6    1 
ATOM   530 N N1    . A  B 2 3  ? 3.069   5.583   -3.000  1.00 67.94  ? 3   A  B N1    1 
ATOM   531 C C2    . A  B 2 3  ? 4.127   4.894   -3.445  1.00 72.15  ? 3   A  B C2    1 
ATOM   532 N N3    . A  B 2 3  ? 4.486   3.636   -3.186  1.00 69.70  ? 3   A  B N3    1 
ATOM   533 C C4    . A  B 2 3  ? 3.592   3.040   -2.381  1.00 59.22  ? 3   A  B C4    1 
ATOM   534 P P     . U  B 2 4  ? 8.676   -0.742  -2.423  1.00 82.92  ? 4   U  B P     1 
ATOM   535 O OP1   . U  B 2 4  ? 9.403   -2.000  -2.718  1.00 63.84  ? 4   U  B OP1   1 
ATOM   536 O OP2   . U  B 2 4  ? 8.889   -0.114  -1.074  1.00 75.10  ? 4   U  B OP2   1 
ATOM   537 O "O5'" . U  B 2 4  ? 8.927   0.289   -3.613  1.00 63.32  ? 4   U  B "O5'" 1 
ATOM   538 C "C5'" . U  B 2 4  ? 10.154  0.985   -3.752  1.00 65.94  ? 4   U  B "C5'" 1 
ATOM   539 C "C4'" . U  B 2 4  ? 9.924   2.294   -4.460  1.00 69.10  ? 4   U  B "C4'" 1 
ATOM   540 O "O4'" . U  B 2 4  ? 9.197   2.072   -5.695  1.00 72.92  ? 4   U  B "O4'" 1 
ATOM   541 C "C3'" . U  B 2 4  ? 9.106   3.349   -3.731  1.00 68.87  ? 4   U  B "C3'" 1 
ATOM   542 O "O3'" . U  B 2 4  ? 9.875   4.162   -2.858  1.00 68.62  ? 4   U  B "O3'" 1 
ATOM   543 C "C2'" . U  B 2 4  ? 8.655   4.221   -4.889  1.00 71.77  ? 4   U  B "C2'" 1 
ATOM   544 O "O2'" . U  B 2 4  ? 9.680   4.968   -5.501  1.00 72.70  ? 4   U  B "O2'" 1 
ATOM   545 C "C1'" . U  B 2 4  ? 8.308   3.164   -5.931  1.00 77.41  ? 4   U  B "C1'" 1 
ATOM   546 N N1    . U  B 2 4  ? 6.915   2.680   -5.853  1.00 78.89  ? 4   U  B N1    1 
ATOM   547 C C2    . U  B 2 4  ? 5.885   3.545   -6.206  1.00 83.91  ? 4   U  B C2    1 
ATOM   548 O O2    . U  B 2 4  ? 6.071   4.697   -6.564  1.00 90.06  ? 4   U  B O2    1 
ATOM   549 N N3    . U  B 2 4  ? 4.626   3.013   -6.095  1.00 75.48  ? 4   U  B N3    1 
ATOM   550 C C4    . U  B 2 4  ? 4.293   1.732   -5.715  1.00 80.68  ? 4   U  B C4    1 
ATOM   551 O O4    . U  B 2 4  ? 3.108   1.397   -5.676  1.00 89.20  ? 4   U  B O4    1 
ATOM   552 C C5    . U  B 2 4  ? 5.408   0.897   -5.395  1.00 80.51  ? 4   U  B C5    1 
ATOM   553 C C6    . U  B 2 4  ? 6.646   1.394   -5.449  1.00 76.96  ? 4   U  B C6    1 
ATOM   554 P P     . G  B 2 5  ? 9.599   4.167   -1.262  1.00 89.35  ? 5   G  B P     1 
ATOM   555 O OP1   . G  B 2 5  ? 10.756  4.886   -0.690  1.00 88.32  ? 5   G  B OP1   1 
ATOM   556 O OP2   . G  B 2 5  ? 9.281   2.774   -0.785  1.00 67.56  ? 5   G  B OP2   1 
ATOM   557 O "O5'" . G  B 2 5  ? 8.345   5.122   -1.052  1.00 78.88  ? 5   G  B "O5'" 1 
ATOM   558 C "C5'" . G  B 2 5  ? 8.306   6.412   -1.681  1.00 83.12  ? 5   G  B "C5'" 1 
ATOM   559 C "C4'" . G  B 2 5  ? 7.194   7.227   -1.086  1.00 80.73  ? 5   G  B "C4'" 1 
ATOM   560 O "O4'" . G  B 2 5  ? 5.925   6.582   -1.377  1.00 83.86  ? 5   G  B "O4'" 1 
ATOM   561 C "C3'" . G  B 2 5  ? 7.221   7.333   0.424   1.00 81.42  ? 5   G  B "C3'" 1 
ATOM   562 O "O3'" . G  B 2 5  ? 8.113   8.368   0.796   1.00 84.15  ? 5   G  B "O3'" 1 
ATOM   563 C "C2'" . G  B 2 5  ? 5.758   7.609   0.738   1.00 84.64  ? 5   G  B "C2'" 1 
ATOM   564 O "O2'" . G  B 2 5  ? 5.361   8.947   0.531   1.00 76.12  ? 5   G  B "O2'" 1 
ATOM   565 C "C1'" . G  B 2 5  ? 5.064   6.674   -0.254  1.00 75.69  ? 5   G  B "C1'" 1 
ATOM   566 N N9    . G  B 2 5  ? 4.855   5.327   0.263   1.00 68.22  ? 5   G  B N9    1 
ATOM   567 C C8    . G  B 2 5  ? 5.460   4.177   -0.184  1.00 67.17  ? 5   G  B C8    1 
ATOM   568 N N7    . G  B 2 5  ? 5.049   3.106   0.442   1.00 67.54  ? 5   G  B N7    1 
ATOM   569 C C5    . G  B 2 5  ? 4.139   3.580   1.376   1.00 65.32  ? 5   G  B C5    1 
ATOM   570 C C6    . G  B 2 5  ? 3.391   2.886   2.363   1.00 67.06  ? 5   G  B C6    1 
ATOM   571 O O6    . G  B 2 5  ? 3.411   1.682   2.636   1.00 69.43  ? 5   G  B O6    1 
ATOM   572 N N1    . G  B 2 5  ? 2.575   3.746   3.090   1.00 64.34  ? 5   G  B N1    1 
ATOM   573 C C2    . G  B 2 5  ? 2.499   5.105   2.900   1.00 70.00  ? 5   G  B C2    1 
ATOM   574 N N2    . G  B 2 5  ? 1.659   5.766   3.710   1.00 66.72  ? 5   G  B N2    1 
ATOM   575 N N3    . G  B 2 5  ? 3.188   5.766   1.979   1.00 67.19  ? 5   G  B N3    1 
ATOM   576 C C4    . G  B 2 5  ? 4.000   4.948   1.274   1.00 67.11  ? 5   G  B C4    1 
ATOM   577 P P     . C  B 2 6  ? 9.137   8.153   2.031   1.00 88.56  ? 6   C  B P     1 
ATOM   578 O OP1   . C  B 2 6  ? 10.193  9.166   1.928   1.00 94.97  ? 6   C  B OP1   1 
ATOM   579 O OP2   . C  B 2 6  ? 9.498   6.725   2.136   1.00 80.56  ? 6   C  B OP2   1 
ATOM   580 O "O5'" . C  B 2 6  ? 8.250   8.530   3.284   1.00 73.04  ? 6   C  B "O5'" 1 
ATOM   581 C "C5'" . C  B 2 6  ? 7.956   7.536   4.247   1.00 74.65  ? 6   C  B "C5'" 1 
ATOM   582 C "C4'" . C  B 2 6  ? 6.642   7.863   4.884   1.00 74.83  ? 6   C  B "C4'" 1 
ATOM   583 O "O4'" . C  B 2 6  ? 5.608   7.163   4.162   1.00 72.55  ? 6   C  B "O4'" 1 
ATOM   584 C "C3'" . C  B 2 6  ? 6.508   7.420   6.332   1.00 76.54  ? 6   C  B "C3'" 1 
ATOM   585 O "O3'" . C  B 2 6  ? 6.935   8.425   7.244   1.00 82.02  ? 6   C  B "O3'" 1 
ATOM   586 C "C2'" . C  B 2 6  ? 5.020   7.147   6.454   1.00 73.65  ? 6   C  B "C2'" 1 
ATOM   587 O "O2'" . C  B 2 6  ? 4.268   8.315   6.730   1.00 72.62  ? 6   C  B "O2'" 1 
ATOM   588 C "C1'" . C  B 2 6  ? 4.732   6.536   5.084   1.00 75.60  ? 6   C  B "C1'" 1 
ATOM   589 N N1    . C  B 2 6  ? 4.988   5.098   5.033   1.00 72.43  ? 6   C  B N1    1 
ATOM   590 C C2    . C  B 2 6  ? 4.185   4.232   5.789   1.00 75.05  ? 6   C  B C2    1 
ATOM   591 O O2    . C  B 2 6  ? 3.276   4.713   6.487   1.00 75.11  ? 6   C  B O2    1 
ATOM   592 N N3    . C  B 2 6  ? 4.430   2.899   5.749   1.00 60.78  ? 6   C  B N3    1 
ATOM   593 C C4    . C  B 2 6  ? 5.420   2.430   4.983   1.00 57.52  ? 6   C  B C4    1 
ATOM   594 N N4    . C  B 2 6  ? 5.632   1.120   4.962   1.00 66.00  ? 6   C  B N4    1 
ATOM   595 C C5    . C  B 2 6  ? 6.253   3.290   4.213   1.00 61.56  ? 6   C  B C5    1 
ATOM   596 C C6    . C  B 2 6  ? 6.000   4.601   4.259   1.00 65.23  ? 6   C  B C6    1 
ATOM   597 P P     . C  B 2 7  ? 7.876   8.033   8.480   1.00 85.87  ? 7   C  B P     1 
ATOM   598 O OP1   . C  B 2 7  ? 8.382   9.294   9.050   1.00 86.89  ? 7   C  B OP1   1 
ATOM   599 O OP2   . C  B 2 7  ? 8.831   6.982   8.043   1.00 77.22  ? 7   C  B OP2   1 
ATOM   600 O "O5'" . C  B 2 7  ? 6.865   7.375   9.516   1.00 79.51  ? 7   C  B "O5'" 1 
ATOM   601 C "C5'" . C  B 2 7  ? 5.844   8.193   10.117  1.00 89.06  ? 7   C  B "C5'" 1 
ATOM   602 C "C4'" . C  B 2 7  ? 5.092   7.408   11.165  1.00 96.68  ? 7   C  B "C4'" 1 
ATOM   603 O "O4'" . C  B 2 7  ? 4.181   6.472   10.529  1.00 88.77  ? 7   C  B "O4'" 1 
ATOM   604 C "C3'" . C  B 2 7  ? 5.937   6.525   12.062  1.00 98.72  ? 7   C  B "C3'" 1 
ATOM   605 O "O3'" . C  B 2 7  ? 6.584   7.284   13.057  1.00 102.15 ? 7   C  B "O3'" 1 
ATOM   606 C "C2'" . C  B 2 7  ? 4.895   5.538   12.559  1.00 93.44  ? 7   C  B "C2'" 1 
ATOM   607 O "O2'" . C  B 2 7  ? 4.082   6.083   13.576  1.00 101.54 ? 7   C  B "O2'" 1 
ATOM   608 C "C1'" . C  B 2 7  ? 4.159   5.251   11.255  1.00 88.19  ? 7   C  B "C1'" 1 
ATOM   609 N N1    . C  B 2 7  ? 4.816   4.198   10.447  1.00 79.21  ? 7   C  B N1    1 
ATOM   610 C C2    . C  B 2 7  ? 4.541   2.854   10.735  1.00 80.55  ? 7   C  B C2    1 
ATOM   611 O O2    . C  B 2 7  ? 3.754   2.586   11.655  1.00 92.09  ? 7   C  B O2    1 
ATOM   612 N N3    . C  B 2 7  ? 5.152   1.883   10.015  1.00 72.85  ? 7   C  B N3    1 
ATOM   613 C C4    . C  B 2 7  ? 6.010   2.213   9.049   1.00 78.09  ? 7   C  B C4    1 
ATOM   614 N N4    . C  B 2 7  ? 6.589   1.228   8.365   1.00 80.51  ? 7   C  B N4    1 
ATOM   615 C C5    . C  B 2 7  ? 6.317   3.571   8.742   1.00 83.14  ? 7   C  B C5    1 
ATOM   616 C C6    . C  B 2 7  ? 5.707   4.522   9.461   1.00 75.68  ? 7   C  B C6    1 
ATOM   617 P P     . U  B 2 8  ? 7.485   6.545   14.116  1.00 106.82 ? 8   U  B P     1 
ATOM   618 O OP1   . U  B 2 8  ? 7.818   7.551   15.144  1.00 88.77  ? 8   U  B OP1   1 
ATOM   619 O OP2   . U  B 2 8  ? 8.582   5.823   13.393  1.00 75.57  ? 8   U  B OP2   1 
ATOM   620 O "O5'" . U  B 2 8  ? 6.462   5.475   14.718  1.00 104.48 ? 8   U  B "O5'" 1 
ATOM   621 C "C5'" . U  B 2 8  ? 6.507   5.098   16.103  1.00 105.72 ? 8   U  B "C5'" 1 
ATOM   622 C "C4'" . U  B 2 8  ? 5.748   3.814   16.331  1.00 102.06 ? 8   U  B "C4'" 1 
ATOM   623 O "O4'" . U  B 2 8  ? 5.133   3.297   15.118  1.00 94.52  ? 8   U  B "O4'" 1 
ATOM   624 C "C3'" . U  B 2 8  ? 6.622   2.666   16.786  1.00 110.58 ? 8   U  B "C3'" 1 
ATOM   625 O "O3'" . U  B 2 8  ? 6.985   2.894   18.125  1.00 108.44 ? 8   U  B "O3'" 1 
ATOM   626 C "C2'" . U  B 2 8  ? 5.716   1.486   16.506  1.00 116.00 ? 8   U  B "C2'" 1 
ATOM   627 O "O2'" . U  B 2 8  ? 4.641   1.332   17.411  1.00 136.71 ? 8   U  B "O2'" 1 
ATOM   628 C "C1'" . U  B 2 8  ? 5.234   1.870   15.109  1.00 104.92 ? 8   U  B "C1'" 1 
ATOM   629 N N1    . U  B 2 8  ? 6.193   1.474   14.064  1.00 98.39  ? 8   U  B N1    1 
ATOM   630 C C2    . U  B 2 8  ? 6.454   0.123   13.872  1.00 96.42  ? 8   U  B C2    1 
ATOM   631 O O2    . U  B 2 8  ? 5.927   -0.758  14.527  1.00 112.51 ? 8   U  B O2    1 
ATOM   632 N N3    . U  B 2 8  ? 7.361   -0.152  12.880  1.00 89.07  ? 8   U  B N3    1 
ATOM   633 C C4    . U  B 2 8  ? 8.023   0.758   12.078  1.00 91.65  ? 8   U  B C4    1 
ATOM   634 O O4    . U  B 2 8  ? 8.821   0.355   11.233  1.00 87.58  ? 8   U  B O4    1 
ATOM   635 C C5    . U  B 2 8  ? 7.706   2.127   12.343  1.00 91.20  ? 8   U  B C5    1 
ATOM   636 C C6    . U  B 2 8  ? 6.836   2.432   13.312  1.00 96.16  ? 8   U  B C6    1 
ATOM   637 P P     . G  B 2 9  ? 8.518   2.940   18.527  1.00 99.73  ? 9   G  B P     1 
ATOM   638 O OP1   . G  B 2 9  ? 8.734   4.240   19.204  1.00 83.42  ? 9   G  B OP1   1 
ATOM   639 O OP2   . G  B 2 9  ? 9.349   2.591   17.353  1.00 107.68 ? 9   G  B OP2   1 
ATOM   640 O "O5'" . G  B 2 9  ? 8.660   1.639   19.436  1.00 113.43 ? 9   G  B "O5'" 1 
ATOM   641 C "C5'" . G  B 2 9  ? 7.517   0.844   19.828  1.00 100.12 ? 9   G  B "C5'" 1 
ATOM   642 C "C4'" . G  B 2 9  ? 7.808   -0.620  19.640  1.00 97.71  ? 9   G  B "C4'" 1 
ATOM   643 O "O4'" . G  B 2 9  ? 7.373   -1.046  18.334  1.00 91.51  ? 9   G  B "O4'" 1 
ATOM   644 C "C3'" . G  B 2 9  ? 9.264   -1.050  19.700  1.00 93.67  ? 9   G  B "C3'" 1 
ATOM   645 O "O3'" . G  B 2 9  ? 9.569   -1.241  21.062  1.00 105.24 ? 9   G  B "O3'" 1 
ATOM   646 C "C2'" . G  B 2 9  ? 9.239   -2.391  18.986  1.00 92.80  ? 9   G  B "C2'" 1 
ATOM   647 O "O2'" . G  B 2 9  ? 9.137   -3.489  19.878  1.00 76.40  ? 9   G  B "O2'" 1 
ATOM   648 C "C1'" . G  B 2 9  ? 8.151   -2.154  17.930  1.00 92.93  ? 9   G  B "C1'" 1 
ATOM   649 N N9    . G  B 2 9  ? 8.776   -1.809  16.669  1.00 103.49 ? 9   G  B N9    1 
ATOM   650 C C8    . G  B 2 9  ? 8.978   -0.556  16.141  1.00 104.19 ? 9   G  B C8    1 
ATOM   651 N N7    . G  B 2 9  ? 9.625   -0.577  15.009  1.00 92.48  ? 9   G  B N7    1 
ATOM   652 C C5    . G  B 2 9  ? 9.893   -1.922  14.794  1.00 95.86  ? 9   G  B C5    1 
ATOM   653 C C6    . G  B 2 9  ? 10.568  -2.564  13.731  1.00 96.49  ? 9   G  B C6    1 
ATOM   654 O O6    . G  B 2 9  ? 11.102  -2.055  12.744  1.00 96.84  ? 9   G  B O6    1 
ATOM   655 N N1    . G  B 2 9  ? 10.605  -3.943  13.904  1.00 100.36 ? 9   G  B N1    1 
ATOM   656 C C2    . G  B 2 9  ? 10.074  -4.618  14.974  1.00 110.54 ? 9   G  B C2    1 
ATOM   657 N N2    . G  B 2 9  ? 10.226  -5.951  14.971  1.00 123.22 ? 9   G  B N2    1 
ATOM   658 N N3    . G  B 2 9  ? 9.452   -4.029  15.982  1.00 106.82 ? 9   G  B N3    1 
ATOM   659 C C4    . G  B 2 9  ? 9.386   -2.692  15.819  1.00 104.00 ? 9   G  B C4    1 
ATOM   660 P P     . C  B 2 10 ? 11.049  -1.175  21.549  1.00 115.25 ? 10  C  B P     1 
ATOM   661 O OP1   . C  B 2 10 ? 11.032  -1.513  22.997  1.00 107.26 ? 10  C  B OP1   1 
ATOM   662 O OP2   . C  B 2 10 ? 11.614  0.147   21.135  1.00 94.85  ? 10  C  B OP2   1 
ATOM   663 O "O5'" . C  B 2 10 ? 11.726  -2.343  20.701  1.00 89.44  ? 10  C  B "O5'" 1 
ATOM   664 C "C5'" . C  B 2 10 ? 12.353  -3.458  21.352  1.00 79.14  ? 10  C  B "C5'" 1 
ATOM   665 C "C4'" . C  B 2 10 ? 12.443  -4.598  20.386  1.00 78.16  ? 10  C  B "C4'" 1 
ATOM   666 O "O4'" . C  B 2 10 ? 11.647  -4.306  19.214  1.00 77.38  ? 10  C  B "O4'" 1 
ATOM   667 C "C3'" . C  B 2 10 ? 13.826  -4.841  19.833  1.00 82.86  ? 10  C  B "C3'" 1 
ATOM   668 O "O3'" . C  B 2 10 ? 14.643  -5.558  20.723  1.00 92.46  ? 10  C  B "O3'" 1 
ATOM   669 C "C2'" . C  B 2 10 ? 13.553  -5.566  18.522  1.00 84.07  ? 10  C  B "C2'" 1 
ATOM   670 O "O2'" . C  B 2 10 ? 13.710  -6.969  18.437  1.00 80.27  ? 10  C  B "O2'" 1 
ATOM   671 C "C1'" . C  B 2 10 ? 12.245  -4.897  18.078  1.00 83.98  ? 10  C  B "C1'" 1 
ATOM   672 N N1    . C  B 2 10 ? 12.562  -3.846  17.106  1.00 91.89  ? 10  C  B N1    1 
ATOM   673 C C2    . C  B 2 10 ? 13.094  -4.253  15.879  1.00 98.37  ? 10  C  B C2    1 
ATOM   674 O O2    . C  B 2 10 ? 13.194  -5.468  15.644  1.00 90.80  ? 10  C  B O2    1 
ATOM   675 N N3    . C  B 2 10 ? 13.469  -3.316  14.975  1.00 97.71  ? 10  C  B N3    1 
ATOM   676 C C4    . C  B 2 10 ? 13.346  -2.022  15.268  1.00 88.83  ? 10  C  B C4    1 
ATOM   677 N N4    . C  B 2 10 ? 13.711  -1.138  14.343  1.00 93.22  ? 10  C  B N4    1 
ATOM   678 C C5    . C  B 2 10 ? 12.836  -1.577  16.526  1.00 86.81  ? 10  C  B C5    1 
ATOM   679 C C6    . C  B 2 10 ? 12.488  -2.515  17.418  1.00 89.07  ? 10  C  B C6    1 
ATOM   680 P P     . U  B 2 11 ? 16.032  -4.947  21.156  1.00 108.84 ? 11  U  B P     1 
ATOM   681 O OP1   . U  B 2 11 ? 16.625  -5.858  22.161  1.00 120.64 ? 11  U  B OP1   1 
ATOM   682 O OP2   . U  B 2 11 ? 15.788  -3.514  21.508  1.00 109.20 ? 11  U  B OP2   1 
ATOM   683 O "O5'" . U  B 2 11 ? 16.950  -5.194  19.875  1.00 87.35  ? 11  U  B "O5'" 1 
ATOM   684 C "C5'" . U  B 2 11 ? 17.078  -6.519  19.343  1.00 89.00  ? 11  U  B "C5'" 1 
ATOM   685 C "C4'" . U  B 2 11 ? 17.548  -6.486  17.910  1.00 103.23 ? 11  U  B "C4'" 1 
ATOM   686 O "O4'" . U  B 2 11 ? 16.581  -5.796  17.084  1.00 104.58 ? 11  U  B "O4'" 1 
ATOM   687 C "C3'" . U  B 2 11 ? 18.862  -5.767  17.637  1.00 102.78 ? 11  U  B "C3'" 1 
ATOM   688 O "O3'" . U  B 2 11 ? 19.935  -6.680  17.775  1.00 98.95  ? 11  U  B "O3'" 1 
ATOM   689 C "C2'" . U  B 2 11 ? 18.743  -5.415  16.163  1.00 99.39  ? 11  U  B "C2'" 1 
ATOM   690 O "O2'" . U  B 2 11 ? 19.124  -6.528  15.372  1.00 89.20  ? 11  U  B "O2'" 1 
ATOM   691 C "C1'" . U  B 2 11 ? 17.258  -5.074  16.056  1.00 94.81  ? 11  U  B "C1'" 1 
ATOM   692 N N1    . U  B 2 11 ? 16.919  -3.653  16.204  1.00 92.95  ? 11  U  B N1    1 
ATOM   693 C C2    . U  B 2 11 ? 17.173  -2.790  15.151  1.00 88.97  ? 11  U  B C2    1 
ATOM   694 O O2    . U  B 2 11 ? 17.724  -3.145  14.126  1.00 88.92  ? 11  U  B O2    1 
ATOM   695 N N3    . U  B 2 11 ? 16.773  -1.492  15.359  1.00 81.03  ? 11  U  B N3    1 
ATOM   696 C C4    . U  B 2 11 ? 16.144  -0.980  16.483  1.00 83.87  ? 11  U  B C4    1 
ATOM   697 O O4    . U  B 2 11 ? 15.865  0.217   16.538  1.00 73.64  ? 11  U  B O4    1 
ATOM   698 C C5    . U  B 2 11 ? 15.902  -1.938  17.514  1.00 93.88  ? 11  U  B C5    1 
ATOM   699 C C6    . U  B 2 11 ? 16.279  -3.209  17.342  1.00 102.73 ? 11  U  B C6    1 
ATOM   700 P P     . G  B 2 12 ? 21.083  -6.390  18.815  1.00 98.93  ? 12  G  B P     1 
ATOM   701 O OP1   . G  B 2 12 ? 21.436  -7.698  19.360  1.00 106.51 ? 12  G  B OP1   1 
ATOM   702 O OP2   . G  B 2 12 ? 20.754  -5.273  19.737  1.00 86.20  ? 12  G  B OP2   1 
ATOM   703 O "O5'" . G  B 2 12 ? 22.273  -6.004  17.844  1.00 98.64  ? 12  G  B "O5'" 1 
ATOM   704 C "C5'" . G  B 2 12 ? 22.744  -7.025  16.935  1.00 105.39 ? 12  G  B "C5'" 1 
ATOM   705 C "C4'" . G  B 2 12 ? 23.302  -6.390  15.694  1.00 104.89 ? 12  G  B "C4'" 1 
ATOM   706 O "O4'" . G  B 2 12 ? 22.338  -5.406  15.232  1.00 101.57 ? 12  G  B "O4'" 1 
ATOM   707 C "C3'" . G  B 2 12 ? 24.607  -5.624  15.899  1.00 94.70  ? 12  G  B "C3'" 1 
ATOM   708 O "O3'" . G  B 2 12 ? 25.392  -5.531  14.719  1.00 93.33  ? 12  G  B "O3'" 1 
ATOM   709 C "C2'" . G  B 2 12 ? 24.107  -4.233  16.227  1.00 95.24  ? 12  G  B "C2'" 1 
ATOM   710 O "O2'" . G  B 2 12 ? 25.018  -3.200  15.931  1.00 104.11 ? 12  G  B "O2'" 1 
ATOM   711 C "C1'" . G  B 2 12 ? 22.934  -4.135  15.263  1.00 93.43  ? 12  G  B "C1'" 1 
ATOM   712 N N9    . G  B 2 12 ? 21.943  -3.155  15.666  1.00 95.76  ? 12  G  B N9    1 
ATOM   713 C C8    . G  B 2 12 ? 21.348  -2.991  16.894  1.00 95.61  ? 12  G  B C8    1 
ATOM   714 N N7    . G  B 2 12 ? 20.524  -1.980  16.930  1.00 91.12  ? 12  G  B N7    1 
ATOM   715 C C5    . G  B 2 12 ? 20.604  -1.428  15.660  1.00 80.80  ? 12  G  B C5    1 
ATOM   716 C C6    . G  B 2 12 ? 19.953  -0.307  15.108  1.00 80.47  ? 12  G  B C6    1 
ATOM   717 O O6    . G  B 2 12 ? 19.150  0.454   15.650  1.00 85.61  ? 12  G  B O6    1 
ATOM   718 N N1    . G  B 2 12 ? 20.332  -0.092  13.786  1.00 84.32  ? 12  G  B N1    1 
ATOM   719 C C2    . G  B 2 12 ? 21.225  -0.864  13.085  1.00 83.68  ? 12  G  B C2    1 
ATOM   720 N N2    . G  B 2 12 ? 21.449  -0.517  11.809  1.00 76.91  ? 12  G  B N2    1 
ATOM   721 N N3    . G  B 2 12 ? 21.830  -1.923  13.587  1.00 86.77  ? 12  G  B N3    1 
ATOM   722 C C4    . G  B 2 12 ? 21.484  -2.138  14.873  1.00 88.91  ? 12  G  B C4    1 
HETATM 723 C "C1'" . TG C 3 .  ? -11.605 -3.645  -4.985  1.00 109.60 ? 101 TG A "C1'" 1 
HETATM 724 C C2    . TG C 3 .  ? -8.456  -3.328  -7.955  1.00 88.73  ? 101 TG A C2    1 
HETATM 725 C "C2'" . TG C 3 .  ? -11.195 -4.087  -3.679  1.00 119.58 ? 101 TG A "C2'" 1 
HETATM 726 C "C3'" . TG C 3 .  ? -12.317 -3.548  -2.799  1.00 125.80 ? 101 TG A "C3'" 1 
HETATM 727 C C4    . TG C 3 .  ? -10.083 -2.418  -6.485  1.00 82.18  ? 101 TG A C4    1 
HETATM 728 C "C4'" . TG C 3 .  ? -13.534 -3.975  -3.530  1.00 130.34 ? 101 TG A "C4'" 1 
HETATM 729 C C5    . TG C 3 .  ? -9.802  -1.142  -6.898  1.00 80.64  ? 101 TG A C5    1 
HETATM 730 C C6    . TG C 3 .  ? -8.860  -0.946  -7.840  1.00 75.68  ? 101 TG A C6    1 
HETATM 731 C C8    . TG C 3 .  ? -11.390 -0.988  -5.410  1.00 92.89  ? 101 TG A C8    1 
HETATM 732 N N1    . TG C 3 .  ? -8.140  -2.020  -8.391  1.00 73.98  ? 101 TG A N1    1 
HETATM 733 N N2    . TG C 3 .  ? -7.759  -4.353  -8.493  1.00 87.49  ? 101 TG A N2    1 
HETATM 734 N N3    . TG C 3 .  ? -9.438  -3.503  -7.006  1.00 74.09  ? 101 TG A N3    1 
HETATM 735 N N7    . TG C 3 .  ? -10.609 -0.250  -6.238  1.00 82.26  ? 101 TG A N7    1 
HETATM 736 N N9    . TG C 3 .  ? -11.049 -2.318  -5.539  1.00 100.64 ? 101 TG A N9    1 
HETATM 737 O O1P   . TG C 3 .  ? -11.099 -1.231  -1.144  1.00 154.49 ? 101 TG A O1P   1 
HETATM 738 O "O2'" . TG C 3 .  ? -11.250 -5.521  -3.823  1.00 117.27 ? 101 TG A "O2'" 1 
HETATM 739 O O2P   . TG C 3 .  ? -12.863 0.094   -2.300  1.00 161.86 ? 101 TG A O2P   1 
HETATM 740 O "O3'" . TG C 3 .  ? -12.303 -2.140  -2.878  1.00 135.93 ? 101 TG A "O3'" 1 
HETATM 741 O "O4'" . TG C 3 .  ? -13.118 -3.656  -4.893  1.00 144.82 ? 101 TG A "O4'" 1 
HETATM 742 O O6    . TG C 3 .  ? -8.619  0.193   -8.236  1.00 75.44  ? 101 TG A O6    1 
HETATM 743 P P     . TG C 3 .  ? -12.499 -1.184  -1.673  1.00 173.35 ? 101 TG A P     1 
HETATM 744 O O3P   . TG C 3 .  ? -13.569 -1.836  -0.866  1.00 133.44 ? 101 TG A O3P   1 
# 
loop_
_pdbx_poly_seq_scheme.asym_id 
_pdbx_poly_seq_scheme.entity_id 
_pdbx_poly_seq_scheme.seq_id 
_pdbx_poly_seq_scheme.mon_id 
_pdbx_poly_seq_scheme.ndb_seq_num 
_pdbx_poly_seq_scheme.pdb_seq_num 
_pdbx_poly_seq_scheme.auth_seq_num 
_pdbx_poly_seq_scheme.pdb_mon_id 
_pdbx_poly_seq_scheme.auth_mon_id 
_pdbx_poly_seq_scheme.pdb_strand_id 
_pdbx_poly_seq_scheme.pdb_ins_code 
_pdbx_poly_seq_scheme.hetero 
A 1 1  C 1  1  1  C C A . n 
A 1 2  U 2  2  2  U U A . n 
A 1 3  G 3  3  3  G G A . n 
A 1 4  C 4  4  4  C C A . n 
A 1 5  U 5  5  5  U U A . n 
A 1 6  G 6  6  6  G G A . n 
A 1 7  G 7  7  7  G G A . n 
A 1 8  C 8  8  8  C C A . n 
A 1 9  U 9  9  9  U U A . n 
A 1 10 A 10 10 10 A A A . n 
A 1 11 A 11 11 11 A A A . n 
A 1 12 G 12 12 12 G G A . n 
A 1 13 G 13 13 13 G G A . n 
A 1 14 C 14 14 14 C C A . n 
A 1 15 A 15 15 15 A A A . n 
A 1 16 U 16 16 16 U U A . n 
A 1 17 G 17 17 17 G G A . n 
A 1 18 A 18 18 18 A A A . n 
A 1 19 A 19 19 19 A A A . n 
A 1 20 A 20 20 20 A A A . n 
A 1 21 G 21 21 21 G G A . n 
A 1 22 U 22 22 22 U U A . n 
B 2 1  C 1  1  1  C C B . n 
B 2 2  U 2  2  2  U U B . n 
B 2 3  A 3  3  3  A A B . n 
B 2 4  U 4  4  4  U U B . n 
B 2 5  G 5  5  5  G G B . n 
B 2 6  C 6  6  6  C C B . n 
B 2 7  C 7  7  7  C C B . n 
B 2 8  U 8  8  8  U U B . n 
B 2 9  G 9  9  9  G G B . n 
B 2 10 C 10 10 10 C C B . n 
B 2 11 U 11 11 11 U U B . n 
B 2 12 G 12 12 12 G G B . n 
# 
_pdbx_nonpoly_scheme.asym_id         C 
_pdbx_nonpoly_scheme.entity_id       3 
_pdbx_nonpoly_scheme.mon_id          TG 
_pdbx_nonpoly_scheme.ndb_seq_num     1 
_pdbx_nonpoly_scheme.pdb_seq_num     101 
_pdbx_nonpoly_scheme.auth_seq_num    1 
_pdbx_nonpoly_scheme.pdb_mon_id      TG 
_pdbx_nonpoly_scheme.auth_mon_id     TFG 
_pdbx_nonpoly_scheme.pdb_strand_id   A 
_pdbx_nonpoly_scheme.pdb_ins_code    . 
# 
_pdbx_struct_assembly.id                   1 
_pdbx_struct_assembly.details              author_and_software_defined_assembly 
_pdbx_struct_assembly.method_details       PISA 
_pdbx_struct_assembly.oligomeric_details   dimeric 
_pdbx_struct_assembly.oligomeric_count     2 
# 
_pdbx_struct_assembly_gen.assembly_id       1 
_pdbx_struct_assembly_gen.oper_expression   1 
_pdbx_struct_assembly_gen.asym_id_list      A,B,C 
# 
loop_
_pdbx_struct_assembly_prop.biol_id 
_pdbx_struct_assembly_prop.type 
_pdbx_struct_assembly_prop.value 
_pdbx_struct_assembly_prop.details 
1 'ABSA (A^2)' 1560 ? 
1 MORE         -7   ? 
1 'SSA (A^2)'  6220 ? 
# 
_pdbx_struct_oper_list.id                   1 
_pdbx_struct_oper_list.type                 'identity operation' 
_pdbx_struct_oper_list.name                 1_555 
_pdbx_struct_oper_list.symmetry_operation   x,y,z 
_pdbx_struct_oper_list.matrix[1][1]         1.0000000000 
_pdbx_struct_oper_list.matrix[1][2]         0.0000000000 
_pdbx_struct_oper_list.matrix[1][3]         0.0000000000 
_pdbx_struct_oper_list.vector[1]            0.0000000000 
_pdbx_struct_oper_list.matrix[2][1]         0.0000000000 
_pdbx_struct_oper_list.matrix[2][2]         1.0000000000 
_pdbx_struct_oper_list.matrix[2][3]         0.0000000000 
_pdbx_struct_oper_list.vector[2]            0.0000000000 
_pdbx_struct_oper_list.matrix[3][1]         0.0000000000 
_pdbx_struct_oper_list.matrix[3][2]         0.0000000000 
_pdbx_struct_oper_list.matrix[3][3]         1.0000000000 
_pdbx_struct_oper_list.vector[3]            0.0000000000 
# 
loop_
_pdbx_audit_revision_history.ordinal 
_pdbx_audit_revision_history.data_content_type 
_pdbx_audit_revision_history.major_revision 
_pdbx_audit_revision_history.minor_revision 
_pdbx_audit_revision_history.revision_date 
1 'Structure model' 1 0 2020-12-09 
2 'Structure model' 1 1 2021-01-06 
3 'Structure model' 1 2 2021-02-03 
4 'Structure model' 1 3 2023-10-11 
# 
_pdbx_audit_revision_details.ordinal             1 
_pdbx_audit_revision_details.revision_ordinal    1 
_pdbx_audit_revision_details.data_content_type   'Structure model' 
_pdbx_audit_revision_details.provider            repository 
_pdbx_audit_revision_details.type                'Initial release' 
_pdbx_audit_revision_details.description         ? 
_pdbx_audit_revision_details.details             ? 
# 
loop_
_pdbx_audit_revision_group.ordinal 
_pdbx_audit_revision_group.revision_ordinal 
_pdbx_audit_revision_group.data_content_type 
_pdbx_audit_revision_group.group 
1 2 'Structure model' 'Database references'    
2 3 'Structure model' 'Database references'    
3 4 'Structure model' 'Data collection'        
4 4 'Structure model' 'Database references'    
5 4 'Structure model' 'Refinement description' 
# 
loop_
_pdbx_audit_revision_category.ordinal 
_pdbx_audit_revision_category.revision_ordinal 
_pdbx_audit_revision_category.data_content_type 
_pdbx_audit_revision_category.category 
1 2 'Structure model' citation                      
2 3 'Structure model' citation                      
3 4 'Structure model' chem_comp_atom                
4 4 'Structure model' chem_comp_bond                
5 4 'Structure model' database_2                    
6 4 'Structure model' pdbx_initial_refinement_model 
# 
loop_
_pdbx_audit_revision_item.ordinal 
_pdbx_audit_revision_item.revision_ordinal 
_pdbx_audit_revision_item.data_content_type 
_pdbx_audit_revision_item.item 
1 2 'Structure model' '_citation.pdbx_database_id_DOI'      
2 2 'Structure model' '_citation.pdbx_database_id_PubMed'   
3 2 'Structure model' '_citation.title'                     
4 3 'Structure model' '_citation.journal_volume'            
5 3 'Structure model' '_citation.page_first'                
6 3 'Structure model' '_citation.page_last'                 
7 3 'Structure model' '_citation.year'                      
8 4 'Structure model' '_database_2.pdbx_DOI'                
9 4 'Structure model' '_database_2.pdbx_database_accession' 
# 
loop_
_software.citation_id 
_software.classification 
_software.compiler_name 
_software.compiler_version 
_software.contact_author 
_software.contact_author_email 
_software.date 
_software.description 
_software.dependencies 
_software.hardware 
_software.language 
_software.location 
_software.mods 
_software.name 
_software.os 
_software.os_version 
_software.type 
_software.version 
_software.pdbx_ordinal 
? refinement       ? ? ? ? ? ? ? ? ? ? ? REFMAC   ? ? ? 5.8.0189 1 
? 'data reduction' ? ? ? ? ? ? ? ? ? ? ? HKL-2000 ? ? ? .        2 
? 'data scaling'   ? ? ? ? ? ? ? ? ? ? ? HKL-2000 ? ? ? .        3 
? phasing          ? ? ? ? ? ? ? ? ? ? ? PHASER   ? ? ? .        4 
# 
_pdbx_entry_details.entry_id                 6U8F 
_pdbx_entry_details.has_ligand_of_interest   Y 
_pdbx_entry_details.compound_details         ? 
_pdbx_entry_details.source_details           ? 
_pdbx_entry_details.nonpolymer_details       ? 
_pdbx_entry_details.sequence_details         ? 
# 
loop_
_chem_comp_atom.comp_id 
_chem_comp_atom.atom_id 
_chem_comp_atom.type_symbol 
_chem_comp_atom.pdbx_aromatic_flag 
_chem_comp_atom.pdbx_stereo_config 
_chem_comp_atom.pdbx_ordinal 
A  OP3    O N N 1   
A  P      P N N 2   
A  OP1    O N N 3   
A  OP2    O N N 4   
A  "O5'"  O N N 5   
A  "C5'"  C N N 6   
A  "C4'"  C N R 7   
A  "O4'"  O N N 8   
A  "C3'"  C N S 9   
A  "O3'"  O N N 10  
A  "C2'"  C N R 11  
A  "O2'"  O N N 12  
A  "C1'"  C N R 13  
A  N9     N Y N 14  
A  C8     C Y N 15  
A  N7     N Y N 16  
A  C5     C Y N 17  
A  C6     C Y N 18  
A  N6     N N N 19  
A  N1     N Y N 20  
A  C2     C Y N 21  
A  N3     N Y N 22  
A  C4     C Y N 23  
A  HOP3   H N N 24  
A  HOP2   H N N 25  
A  "H5'"  H N N 26  
A  "H5''" H N N 27  
A  "H4'"  H N N 28  
A  "H3'"  H N N 29  
A  "HO3'" H N N 30  
A  "H2'"  H N N 31  
A  "HO2'" H N N 32  
A  "H1'"  H N N 33  
A  H8     H N N 34  
A  H61    H N N 35  
A  H62    H N N 36  
A  H2     H N N 37  
C  OP3    O N N 38  
C  P      P N N 39  
C  OP1    O N N 40  
C  OP2    O N N 41  
C  "O5'"  O N N 42  
C  "C5'"  C N N 43  
C  "C4'"  C N R 44  
C  "O4'"  O N N 45  
C  "C3'"  C N S 46  
C  "O3'"  O N N 47  
C  "C2'"  C N R 48  
C  "O2'"  O N N 49  
C  "C1'"  C N R 50  
C  N1     N N N 51  
C  C2     C N N 52  
C  O2     O N N 53  
C  N3     N N N 54  
C  C4     C N N 55  
C  N4     N N N 56  
C  C5     C N N 57  
C  C6     C N N 58  
C  HOP3   H N N 59  
C  HOP2   H N N 60  
C  "H5'"  H N N 61  
C  "H5''" H N N 62  
C  "H4'"  H N N 63  
C  "H3'"  H N N 64  
C  "HO3'" H N N 65  
C  "H2'"  H N N 66  
C  "HO2'" H N N 67  
C  "H1'"  H N N 68  
C  H41    H N N 69  
C  H42    H N N 70  
C  H5     H N N 71  
C  H6     H N N 72  
G  OP3    O N N 73  
G  P      P N N 74  
G  OP1    O N N 75  
G  OP2    O N N 76  
G  "O5'"  O N N 77  
G  "C5'"  C N N 78  
G  "C4'"  C N R 79  
G  "O4'"  O N N 80  
G  "C3'"  C N S 81  
G  "O3'"  O N N 82  
G  "C2'"  C N R 83  
G  "O2'"  O N N 84  
G  "C1'"  C N R 85  
G  N9     N Y N 86  
G  C8     C Y N 87  
G  N7     N Y N 88  
G  C5     C Y N 89  
G  C6     C N N 90  
G  O6     O N N 91  
G  N1     N N N 92  
G  C2     C N N 93  
G  N2     N N N 94  
G  N3     N N N 95  
G  C4     C Y N 96  
G  HOP3   H N N 97  
G  HOP2   H N N 98  
G  "H5'"  H N N 99  
G  "H5''" H N N 100 
G  "H4'"  H N N 101 
G  "H3'"  H N N 102 
G  "HO3'" H N N 103 
G  "H2'"  H N N 104 
G  "HO2'" H N N 105 
G  "H1'"  H N N 106 
G  H8     H N N 107 
G  H1     H N N 108 
G  H21    H N N 109 
G  H22    H N N 110 
TG "C1'"  C N R 111 
TG C2     C N N 112 
TG "C2'"  C N R 113 
TG "C3'"  C N S 114 
TG C4     C Y N 115 
TG "C4'"  C N N 116 
TG C5     C Y N 117 
TG C6     C N N 118 
TG C8     C Y N 119 
TG N1     N N N 120 
TG N2     N N N 121 
TG N3     N N N 122 
TG N7     N Y N 123 
TG N9     N Y N 124 
TG O1P    O N N 125 
TG "O2'"  O N N 126 
TG O2P    O N N 127 
TG "O3'"  O N N 128 
TG "O4'"  O N N 129 
TG O6     O N N 130 
TG P      P N N 131 
TG H1     H N N 132 
TG H2     H N N 133 
TG H3     H N N 134 
TG H4     H N N 135 
TG H5     H N N 136 
TG H6     H N N 137 
TG H7     H N N 138 
TG H8     H N N 139 
TG H9     H N N 140 
TG H11    H N N 141 
TG O3P    O N N 142 
TG H10    H N N 143 
U  OP3    O N N 144 
U  P      P N N 145 
U  OP1    O N N 146 
U  OP2    O N N 147 
U  "O5'"  O N N 148 
U  "C5'"  C N N 149 
U  "C4'"  C N R 150 
U  "O4'"  O N N 151 
U  "C3'"  C N S 152 
U  "O3'"  O N N 153 
U  "C2'"  C N R 154 
U  "O2'"  O N N 155 
U  "C1'"  C N R 156 
U  N1     N N N 157 
U  C2     C N N 158 
U  O2     O N N 159 
U  N3     N N N 160 
U  C4     C N N 161 
U  O4     O N N 162 
U  C5     C N N 163 
U  C6     C N N 164 
U  HOP3   H N N 165 
U  HOP2   H N N 166 
U  "H5'"  H N N 167 
U  "H5''" H N N 168 
U  "H4'"  H N N 169 
U  "H3'"  H N N 170 
U  "HO3'" H N N 171 
U  "H2'"  H N N 172 
U  "HO2'" H N N 173 
U  "H1'"  H N N 174 
U  H3     H N N 175 
U  H5     H N N 176 
U  H6     H N N 177 
# 
loop_
_chem_comp_bond.comp_id 
_chem_comp_bond.atom_id_1 
_chem_comp_bond.atom_id_2 
_chem_comp_bond.value_order 
_chem_comp_bond.pdbx_aromatic_flag 
_chem_comp_bond.pdbx_stereo_config 
_chem_comp_bond.pdbx_ordinal 
A  OP3   P      sing N N 1   
A  OP3   HOP3   sing N N 2   
A  P     OP1    doub N N 3   
A  P     OP2    sing N N 4   
A  P     "O5'"  sing N N 5   
A  OP2   HOP2   sing N N 6   
A  "O5'" "C5'"  sing N N 7   
A  "C5'" "C4'"  sing N N 8   
A  "C5'" "H5'"  sing N N 9   
A  "C5'" "H5''" sing N N 10  
A  "C4'" "O4'"  sing N N 11  
A  "C4'" "C3'"  sing N N 12  
A  "C4'" "H4'"  sing N N 13  
A  "O4'" "C1'"  sing N N 14  
A  "C3'" "O3'"  sing N N 15  
A  "C3'" "C2'"  sing N N 16  
A  "C3'" "H3'"  sing N N 17  
A  "O3'" "HO3'" sing N N 18  
A  "C2'" "O2'"  sing N N 19  
A  "C2'" "C1'"  sing N N 20  
A  "C2'" "H2'"  sing N N 21  
A  "O2'" "HO2'" sing N N 22  
A  "C1'" N9     sing N N 23  
A  "C1'" "H1'"  sing N N 24  
A  N9    C8     sing Y N 25  
A  N9    C4     sing Y N 26  
A  C8    N7     doub Y N 27  
A  C8    H8     sing N N 28  
A  N7    C5     sing Y N 29  
A  C5    C6     sing Y N 30  
A  C5    C4     doub Y N 31  
A  C6    N6     sing N N 32  
A  C6    N1     doub Y N 33  
A  N6    H61    sing N N 34  
A  N6    H62    sing N N 35  
A  N1    C2     sing Y N 36  
A  C2    N3     doub Y N 37  
A  C2    H2     sing N N 38  
A  N3    C4     sing Y N 39  
C  OP3   P      sing N N 40  
C  OP3   HOP3   sing N N 41  
C  P     OP1    doub N N 42  
C  P     OP2    sing N N 43  
C  P     "O5'"  sing N N 44  
C  OP2   HOP2   sing N N 45  
C  "O5'" "C5'"  sing N N 46  
C  "C5'" "C4'"  sing N N 47  
C  "C5'" "H5'"  sing N N 48  
C  "C5'" "H5''" sing N N 49  
C  "C4'" "O4'"  sing N N 50  
C  "C4'" "C3'"  sing N N 51  
C  "C4'" "H4'"  sing N N 52  
C  "O4'" "C1'"  sing N N 53  
C  "C3'" "O3'"  sing N N 54  
C  "C3'" "C2'"  sing N N 55  
C  "C3'" "H3'"  sing N N 56  
C  "O3'" "HO3'" sing N N 57  
C  "C2'" "O2'"  sing N N 58  
C  "C2'" "C1'"  sing N N 59  
C  "C2'" "H2'"  sing N N 60  
C  "O2'" "HO2'" sing N N 61  
C  "C1'" N1     sing N N 62  
C  "C1'" "H1'"  sing N N 63  
C  N1    C2     sing N N 64  
C  N1    C6     sing N N 65  
C  C2    O2     doub N N 66  
C  C2    N3     sing N N 67  
C  N3    C4     doub N N 68  
C  C4    N4     sing N N 69  
C  C4    C5     sing N N 70  
C  N4    H41    sing N N 71  
C  N4    H42    sing N N 72  
C  C5    C6     doub N N 73  
C  C5    H5     sing N N 74  
C  C6    H6     sing N N 75  
G  OP3   P      sing N N 76  
G  OP3   HOP3   sing N N 77  
G  P     OP1    doub N N 78  
G  P     OP2    sing N N 79  
G  P     "O5'"  sing N N 80  
G  OP2   HOP2   sing N N 81  
G  "O5'" "C5'"  sing N N 82  
G  "C5'" "C4'"  sing N N 83  
G  "C5'" "H5'"  sing N N 84  
G  "C5'" "H5''" sing N N 85  
G  "C4'" "O4'"  sing N N 86  
G  "C4'" "C3'"  sing N N 87  
G  "C4'" "H4'"  sing N N 88  
G  "O4'" "C1'"  sing N N 89  
G  "C3'" "O3'"  sing N N 90  
G  "C3'" "C2'"  sing N N 91  
G  "C3'" "H3'"  sing N N 92  
G  "O3'" "HO3'" sing N N 93  
G  "C2'" "O2'"  sing N N 94  
G  "C2'" "C1'"  sing N N 95  
G  "C2'" "H2'"  sing N N 96  
G  "O2'" "HO2'" sing N N 97  
G  "C1'" N9     sing N N 98  
G  "C1'" "H1'"  sing N N 99  
G  N9    C8     sing Y N 100 
G  N9    C4     sing Y N 101 
G  C8    N7     doub Y N 102 
G  C8    H8     sing N N 103 
G  N7    C5     sing Y N 104 
G  C5    C6     sing N N 105 
G  C5    C4     doub Y N 106 
G  C6    O6     doub N N 107 
G  C6    N1     sing N N 108 
G  N1    C2     sing N N 109 
G  N1    H1     sing N N 110 
G  C2    N2     sing N N 111 
G  C2    N3     doub N N 112 
G  N2    H21    sing N N 113 
G  N2    H22    sing N N 114 
G  N3    C4     sing N N 115 
TG N2    C2     sing N N 116 
TG N1    C2     sing N N 117 
TG N1    C6     sing N N 118 
TG O6    C6     doub N N 119 
TG C2    N3     doub N N 120 
TG C6    C5     sing N N 121 
TG N3    C4     sing N N 122 
TG C5    C4     doub Y N 123 
TG C5    N7     sing Y N 124 
TG C4    N9     sing Y N 125 
TG N7    C8     doub Y N 126 
TG N9    C8     sing Y N 127 
TG N9    "C1'"  sing N N 128 
TG "C1'" "O4'"  sing N N 129 
TG "C1'" "C2'"  sing N N 130 
TG "O4'" "C4'"  sing N N 131 
TG "C2'" "O2'"  sing N N 132 
TG "C2'" "C3'"  sing N N 133 
TG "C4'" "C3'"  sing N N 134 
TG "C3'" "O3'"  sing N N 135 
TG "O3'" P      sing N N 136 
TG P     O1P    doub N N 137 
TG P     O2P    doub N N 138 
TG "C1'" H1     sing N N 139 
TG "C2'" H2     sing N N 140 
TG "C3'" H3     sing N N 141 
TG "C4'" H4     sing N N 142 
TG "C4'" H5     sing N N 143 
TG C8    H6     sing N N 144 
TG N1    H7     sing N N 145 
TG N2    H8     sing N N 146 
TG N2    H9     sing N N 147 
TG "O2'" H11    sing N N 148 
TG P     O3P    sing N N 149 
TG O3P   H10    sing N N 150 
U  OP3   P      sing N N 151 
U  OP3   HOP3   sing N N 152 
U  P     OP1    doub N N 153 
U  P     OP2    sing N N 154 
U  P     "O5'"  sing N N 155 
U  OP2   HOP2   sing N N 156 
U  "O5'" "C5'"  sing N N 157 
U  "C5'" "C4'"  sing N N 158 
U  "C5'" "H5'"  sing N N 159 
U  "C5'" "H5''" sing N N 160 
U  "C4'" "O4'"  sing N N 161 
U  "C4'" "C3'"  sing N N 162 
U  "C4'" "H4'"  sing N N 163 
U  "O4'" "C1'"  sing N N 164 
U  "C3'" "O3'"  sing N N 165 
U  "C3'" "C2'"  sing N N 166 
U  "C3'" "H3'"  sing N N 167 
U  "O3'" "HO3'" sing N N 168 
U  "C2'" "O2'"  sing N N 169 
U  "C2'" "C1'"  sing N N 170 
U  "C2'" "H2'"  sing N N 171 
U  "O2'" "HO2'" sing N N 172 
U  "C1'" N1     sing N N 173 
U  "C1'" "H1'"  sing N N 174 
U  N1    C2     sing N N 175 
U  N1    C6     sing N N 176 
U  C2    O2     doub N N 177 
U  C2    N3     sing N N 178 
U  N3    C4     sing N N 179 
U  N3    H3     sing N N 180 
U  C4    O4     doub N N 181 
U  C4    C5     sing N N 182 
U  C5    C6     doub N N 183 
U  C5    H5     sing N N 184 
U  C6    H6     sing N N 185 
# 
loop_
_ndb_struct_conf_na.entry_id 
_ndb_struct_conf_na.feature 
6U8F 'double helix'        
6U8F 'a-form double helix' 
6U8F tetraloop             
# 
loop_
_ndb_struct_na_base_pair.model_number 
_ndb_struct_na_base_pair.i_label_asym_id 
_ndb_struct_na_base_pair.i_label_comp_id 
_ndb_struct_na_base_pair.i_label_seq_id 
_ndb_struct_na_base_pair.i_symmetry 
_ndb_struct_na_base_pair.j_label_asym_id 
_ndb_struct_na_base_pair.j_label_comp_id 
_ndb_struct_na_base_pair.j_label_seq_id 
_ndb_struct_na_base_pair.j_symmetry 
_ndb_struct_na_base_pair.shear 
_ndb_struct_na_base_pair.stretch 
_ndb_struct_na_base_pair.stagger 
_ndb_struct_na_base_pair.buckle 
_ndb_struct_na_base_pair.propeller 
_ndb_struct_na_base_pair.opening 
_ndb_struct_na_base_pair.pair_number 
_ndb_struct_na_base_pair.pair_name 
_ndb_struct_na_base_pair.i_auth_asym_id 
_ndb_struct_na_base_pair.i_auth_seq_id 
_ndb_struct_na_base_pair.i_PDB_ins_code 
_ndb_struct_na_base_pair.j_auth_asym_id 
_ndb_struct_na_base_pair.j_auth_seq_id 
_ndb_struct_na_base_pair.j_PDB_ins_code 
_ndb_struct_na_base_pair.hbond_type_28 
_ndb_struct_na_base_pair.hbond_type_12 
1 A C 1  1_555 B G 12 1_555 -0.083 -0.183 -0.205 -1.050  -17.366 1.506   1  A_C1:G12_B  A 1  ? B 12 ? 19 1 
1 A U 2  1_555 B U 11 1_555 -2.788 -1.954 0.698  3.926   -16.102 11.113  2  A_U2:U11_B  A 2  ? B 11 ? 16 1 
1 A G 3  1_555 B C 10 1_555 0.535  0.174  0.130  -5.593  -21.165 4.444   3  A_G3:C10_B  A 3  ? B 10 ? 19 1 
1 A C 4  1_555 B G 9  1_555 -0.189 -0.286 0.812  -5.680  -4.573  -13.947 4  A_C4:G9_B   A 4  ? B 9  ? 19 1 
1 A U 5  1_555 B U 8  1_555 -2.152 -1.281 0.134  12.322  -18.680 -22.960 5  A_U5:U8_B   A 5  ? B 8  ? ?  ? 
1 A G 6  1_555 B C 7  1_555 -0.260 -0.129 0.067  -2.049  -4.665  -1.084  6  A_G6:C7_B   A 6  ? B 7  ? 19 1 
1 A G 7  1_555 B C 6  1_555 0.286  0.086  -0.062 -3.261  -12.347 0.603   7  A_G7:C6_B   A 7  ? B 6  ? 19 1 
1 A C 8  1_555 B G 5  1_555 0.049  -0.187 0.379  -1.435  -4.639  -2.957  8  A_C8:G5_B   A 8  ? B 5  ? 19 1 
1 B A 3  1_555 A U 9  1_555 -4.444 -2.359 -0.994 13.841  -1.885  -88.055 9  B_A3:U9_A   B 3  ? A 9  ? 24 4 
1 A A 11 1_555 B U 4  1_555 -0.093 0.015  -0.437 -21.215 18.739  -3.712  10 A_A11:U4_B  A 11 ? B 4  ? 20 1 
1 A G 12 1_555 B U 2  1_555 -2.416 -0.466 -0.342 -7.212  -18.756 3.314   11 A_G12:U2_B  A 12 ? B 2  ? 28 1 
1 A G 13 1_555 B C 1  1_555 0.023  -0.064 -0.044 -4.171  -6.356  -1.458  12 A_G13:C1_B  A 13 ? B 1  ? 19 1 
1 A A 15 1_555 A U 22 1_555 0.078  0.007  -0.180 1.263   -1.742  -1.870  13 A_A15:U22_A A 15 ? A 22 ? 20 1 
1 A U 16 1_555 A G 21 1_555 1.175  -0.366 0.208  -0.660  6.738   1.426   14 A_U16:G21_A A 16 ? A 21 ? 28 1 
1 A G 17 1_555 A A 20 1_555 7.195  -5.061 1.541  13.087  -0.096  -5.610  15 A_G17:A20_A A 17 ? A 20 ? ?  ? 
# 
loop_
_ndb_struct_na_base_pair_step.model_number 
_ndb_struct_na_base_pair_step.i_label_asym_id_1 
_ndb_struct_na_base_pair_step.i_label_comp_id_1 
_ndb_struct_na_base_pair_step.i_label_seq_id_1 
_ndb_struct_na_base_pair_step.i_symmetry_1 
_ndb_struct_na_base_pair_step.j_label_asym_id_1 
_ndb_struct_na_base_pair_step.j_label_comp_id_1 
_ndb_struct_na_base_pair_step.j_label_seq_id_1 
_ndb_struct_na_base_pair_step.j_symmetry_1 
_ndb_struct_na_base_pair_step.i_label_asym_id_2 
_ndb_struct_na_base_pair_step.i_label_comp_id_2 
_ndb_struct_na_base_pair_step.i_label_seq_id_2 
_ndb_struct_na_base_pair_step.i_symmetry_2 
_ndb_struct_na_base_pair_step.j_label_asym_id_2 
_ndb_struct_na_base_pair_step.j_label_comp_id_2 
_ndb_struct_na_base_pair_step.j_label_seq_id_2 
_ndb_struct_na_base_pair_step.j_symmetry_2 
_ndb_struct_na_base_pair_step.shift 
_ndb_struct_na_base_pair_step.slide 
_ndb_struct_na_base_pair_step.rise 
_ndb_struct_na_base_pair_step.tilt 
_ndb_struct_na_base_pair_step.roll 
_ndb_struct_na_base_pair_step.twist 
_ndb_struct_na_base_pair_step.x_displacement 
_ndb_struct_na_base_pair_step.y_displacement 
_ndb_struct_na_base_pair_step.helical_rise 
_ndb_struct_na_base_pair_step.inclination 
_ndb_struct_na_base_pair_step.tip 
_ndb_struct_na_base_pair_step.helical_twist 
_ndb_struct_na_base_pair_step.step_number 
_ndb_struct_na_base_pair_step.step_name 
_ndb_struct_na_base_pair_step.i_auth_asym_id_1 
_ndb_struct_na_base_pair_step.i_auth_seq_id_1 
_ndb_struct_na_base_pair_step.i_PDB_ins_code_1 
_ndb_struct_na_base_pair_step.j_auth_asym_id_1 
_ndb_struct_na_base_pair_step.j_auth_seq_id_1 
_ndb_struct_na_base_pair_step.j_PDB_ins_code_1 
_ndb_struct_na_base_pair_step.i_auth_asym_id_2 
_ndb_struct_na_base_pair_step.i_auth_seq_id_2 
_ndb_struct_na_base_pair_step.i_PDB_ins_code_2 
_ndb_struct_na_base_pair_step.j_auth_asym_id_2 
_ndb_struct_na_base_pair_step.j_auth_seq_id_2 
_ndb_struct_na_base_pair_step.j_PDB_ins_code_2 
1 A C 1  1_555 B G 12 1_555 A U 2  1_555 B U 11 1_555 0.648  -1.074 2.919  -14.089  13.376   25.481 -3.835 -3.162 1.616 26.039  
27.427  31.945  1  AA_C1U2:U11G12_BB   A 1  ? B 12 ? A 2  ? B 11 ? 
1 A U 2  1_555 B U 11 1_555 A G 3  1_555 B C 10 1_555 -0.820 -0.431 3.562  2.737    10.253   52.738 -1.164 1.090  3.386 11.411  
-3.046  53.721  2  AA_U2G3:C10U11_BB   A 2  ? B 11 ? A 3  ? B 10 ? 
1 A G 3  1_555 B C 10 1_555 A C 4  1_555 B G 9  1_555 -1.064 -1.761 3.181  -6.593   4.616    24.331 -5.238 0.594  2.982 10.588  
15.123  25.609  3  AA_G3C4:G9C10_BB    A 3  ? B 10 ? A 4  ? B 9  ? 
1 A C 4  1_555 B G 9  1_555 A U 5  1_555 B U 8  1_555 0.021  -2.523 2.493  5.002    4.491    23.949 -6.797 0.996  1.958 10.559  
-11.760 24.861  4  AA_C4U5:U8G9_BB     A 4  ? B 9  ? A 5  ? B 8  ? 
1 A U 5  1_555 B U 8  1_555 A G 6  1_555 B C 7  1_555 1.520  -1.686 3.749  0.672    8.620    40.033 -3.449 -2.094 3.355 12.417  
-0.969  40.919  5  AA_U5G6:C7U8_BB     A 5  ? B 8  ? A 6  ? B 7  ? 
1 A G 6  1_555 B C 7  1_555 A G 7  1_555 B C 6  1_555 0.773  -1.809 3.300  0.654    6.488    36.351 -3.703 -1.135 2.957 10.297  
-1.039  36.912  6  AA_G6G7:C6C7_BB     A 6  ? B 7  ? A 7  ? B 6  ? 
1 A G 7  1_555 B C 6  1_555 A C 8  1_555 B G 5  1_555 -1.125 -2.569 3.134  -5.596   0.781    28.669 -5.260 1.038  3.221 1.559   
11.164  29.209  7  AA_G7C8:G5C6_BB     A 7  ? B 6  ? A 8  ? B 5  ? 
1 A C 8  1_555 B G 5  1_555 B A 3  1_555 A U 9  1_555 -0.216 -4.425 -1.941 -130.786 -102.135 9.638  -2.008 -0.175 2.719 -55.029 
70.465  165.991 8  AB_C8A3:U9G5_AB     A 8  ? B 5  ? B 3  ? A 9  ? 
1 B A 3  1_555 A U 9  1_555 A A 11 1_555 B U 4  1_555 -2.418 3.926  2.005  -153.286 -19.097  58.728 2.170  -0.130 2.660 -10.343 
83.019  157.796 9  BA_A3A11:U4U9_BA    B 3  ? A 9  ? A 11 ? B 4  ? 
1 A A 11 1_555 B U 4  1_555 A G 12 1_555 B U 2  1_555 4.468  -0.271 3.005  -8.297   29.357   60.649 -1.203 -4.306 2.135 27.304  
7.717   67.231  10 AA_A11G12:U2U4_BB   A 11 ? B 4  ? A 12 ? B 2  ? 
1 A G 12 1_555 B U 2  1_555 A G 13 1_555 B C 1  1_555 -0.196 -1.701 3.159  -6.416   5.103    37.646 -3.174 -0.450 2.906 7.794   
9.801   38.496  11 AA_G12G13:C1U2_BB   A 12 ? B 2  ? A 13 ? B 1  ? 
1 A G 13 1_555 B C 1  1_555 A A 15 1_555 A U 22 1_555 0.658  -3.285 6.478  -0.244   6.467    65.525 -3.533 -0.625 6.164 5.960   
0.225   65.809  12 AA_G13A15:U22C1_AB  A 13 ? B 1  ? A 15 ? A 22 ? 
1 A A 15 1_555 A U 22 1_555 A U 16 1_555 A G 21 1_555 0.365  -2.144 3.351  -1.230   10.754   34.517 -4.868 -0.749 2.576 17.594  
2.013   36.125  13 AA_A15U16:G21U22_AA A 15 ? A 22 ? A 16 ? A 21 ? 
1 A U 16 1_555 A G 21 1_555 A G 17 1_555 A A 20 1_555 -1.675 -0.897 2.730  -0.466   13.952   50.202 -1.774 1.886  2.431 16.089  
0.537   51.985  14 AA_U16G17:A20G21_AA A 16 ? A 21 ? A 17 ? A 20 ? 
# 
_pdbx_audit_support.funding_organization   'Howard Hughes Medical Institute (HHMI)' 
_pdbx_audit_support.country                'United States' 
_pdbx_audit_support.grant_number           ? 
_pdbx_audit_support.ordinal                1 
# 
_pdbx_entity_instance_feature.ordinal        1 
_pdbx_entity_instance_feature.comp_id        TG 
_pdbx_entity_instance_feature.asym_id        ? 
_pdbx_entity_instance_feature.seq_num        ? 
_pdbx_entity_instance_feature.auth_comp_id   TG 
_pdbx_entity_instance_feature.auth_asym_id   ? 
_pdbx_entity_instance_feature.auth_seq_num   ? 
_pdbx_entity_instance_feature.feature_type   'SUBJECT OF INVESTIGATION' 
_pdbx_entity_instance_feature.details        ? 
# 
_pdbx_entity_nonpoly.entity_id   3 
_pdbx_entity_nonpoly.name        
'2-azanyl-9-[(2~{R},3~{R},4~{S})-3-oxidanyl-4-[oxidanyl-bis(oxidanylidene)-$l^{6}-phosphanyl]oxy-oxolan-2-yl]-1~{H}-purin-6-one' 
_pdbx_entity_nonpoly.comp_id     TG 
# 
_pdbx_initial_refinement_model.id               1 
_pdbx_initial_refinement_model.entity_id_list   ? 
_pdbx_initial_refinement_model.type             'experimental model' 
_pdbx_initial_refinement_model.source_name      PDB 
_pdbx_initial_refinement_model.accession_code   5VCI 
_pdbx_initial_refinement_model.details          ? 
# 
_pdbx_struct_assembly_auth_evidence.id                     1 
_pdbx_struct_assembly_auth_evidence.assembly_id            1 
_pdbx_struct_assembly_auth_evidence.experimental_support   none 
_pdbx_struct_assembly_auth_evidence.details                ? 
# 
